data_1S37
# 
_entry.id   1S37 
# 
_audit_conform.dict_name       mmcif_pdbx.dic 
_audit_conform.dict_version    5.391 
_audit_conform.dict_location   http://mmcif.pdb.org/dictionaries/ascii/mmcif_pdbx.dic 
# 
loop_
_database_2.database_id 
_database_2.database_code 
_database_2.pdbx_database_accession 
_database_2.pdbx_DOI 
PDB   1S37         pdb_00001s37 10.2210/pdb1s37/pdb 
RCSB  RCSB021309   ?            ?                   
WWPDB D_1000021309 ?            ?                   
# 
loop_
_pdbx_audit_revision_history.ordinal 
_pdbx_audit_revision_history.data_content_type 
_pdbx_audit_revision_history.major_revision 
_pdbx_audit_revision_history.minor_revision 
_pdbx_audit_revision_history.revision_date 
1 'Structure model' 1 0 2005-01-25 
2 'Structure model' 1 1 2008-04-29 
3 'Structure model' 1 2 2011-07-13 
4 'Structure model' 1 3 2014-07-30 
5 'Structure model' 1 4 2024-05-01 
# 
_pdbx_audit_revision_details.ordinal             1 
_pdbx_audit_revision_details.revision_ordinal    1 
_pdbx_audit_revision_details.data_content_type   'Structure model' 
_pdbx_audit_revision_details.provider            repository 
_pdbx_audit_revision_details.type                'Initial release' 
_pdbx_audit_revision_details.description         ? 
_pdbx_audit_revision_details.details             ? 
# 
loop_
_pdbx_audit_revision_group.ordinal 
_pdbx_audit_revision_group.revision_ordinal 
_pdbx_audit_revision_group.data_content_type 
_pdbx_audit_revision_group.group 
1 2 'Structure model' 'Version format compliance' 
2 3 'Structure model' 'Version format compliance' 
3 4 'Structure model' 'Structure summary'         
4 5 'Structure model' 'Data collection'           
5 5 'Structure model' 'Database references'       
6 5 'Structure model' 'Derived calculations'      
# 
loop_
_pdbx_audit_revision_category.ordinal 
_pdbx_audit_revision_category.revision_ordinal 
_pdbx_audit_revision_category.data_content_type 
_pdbx_audit_revision_category.category 
1 5 'Structure model' chem_comp_atom    
2 5 'Structure model' chem_comp_bond    
3 5 'Structure model' database_2        
4 5 'Structure model' pdbx_nmr_software 
5 5 'Structure model' struct_conn       
# 
loop_
_pdbx_audit_revision_item.ordinal 
_pdbx_audit_revision_item.revision_ordinal 
_pdbx_audit_revision_item.data_content_type 
_pdbx_audit_revision_item.item 
1 5 'Structure model' '_database_2.pdbx_DOI'                
2 5 'Structure model' '_database_2.pdbx_database_accession' 
3 5 'Structure model' '_pdbx_nmr_software.name'             
4 5 'Structure model' '_struct_conn.pdbx_leaving_atom_flag' 
# 
_pdbx_database_status.status_code                     REL 
_pdbx_database_status.entry_id                        1S37 
_pdbx_database_status.recvd_initial_deposition_date   2004-01-12 
_pdbx_database_status.deposit_site                    RCSB 
_pdbx_database_status.process_site                    RCSB 
_pdbx_database_status.status_code_sf                  ? 
_pdbx_database_status.status_code_mr                  REL 
_pdbx_database_status.SG_entry                        ? 
_pdbx_database_status.status_code_cs                  ? 
_pdbx_database_status.methods_development_category    ? 
_pdbx_database_status.pdb_format_compatible           Y 
_pdbx_database_status.status_code_nmr_data            ? 
# 
loop_
_pdbx_database_related.db_name 
_pdbx_database_related.db_id 
_pdbx_database_related.details 
_pdbx_database_related.content_type 
PDB 1N74 'DNA interstrand crosslink' unspecified 
PDB 1N4B 'DNA interstrand crosslink' unspecified 
# 
loop_
_audit_author.name 
_audit_author.pdbx_ordinal 
'da Silva, M.W.' 1 
'Noronha, A.M.'  2 
'Noll, D.M.'     3 
'Miller, P.S.'   4 
'Colvin, O.M.'   5 
'Gamcsik, M.P.'  6 
# 
_citation.id                        primary 
_citation.title                     'Accommodation of mispair aligned N3T-ethyl-N3T DNA interstrand cross link.' 
_citation.journal_abbrev            Biochemistry 
_citation.journal_volume            43 
_citation.page_first                12549 
_citation.page_last                 12554 
_citation.year                      2004 
_citation.journal_id_ASTM           BICHAW 
_citation.country                   US 
_citation.journal_id_ISSN           0006-2960 
_citation.journal_id_CSD            0033 
_citation.book_publisher            ? 
_citation.pdbx_database_id_PubMed   15449944 
_citation.pdbx_database_id_DOI      10.1021/bi0486435 
# 
loop_
_citation_author.citation_id 
_citation_author.name 
_citation_author.ordinal 
_citation_author.identifier_ORCID 
primary 'da Silva, M.W.' 1 ? 
primary 'Wilds, C.J.'    2 ? 
primary 'Noronha, A.M.'  3 ? 
primary 'Colvin, O.M.'   4 ? 
primary 'Miller, P.S.'   5 ? 
primary 'Gamcsik, M.P.'  6 ? 
# 
loop_
_entity.id 
_entity.type 
_entity.src_method 
_entity.pdbx_description 
_entity.formula_weight 
_entity.pdbx_number_of_molecules 
_entity.pdbx_ec 
_entity.pdbx_mutation 
_entity.pdbx_fragment 
_entity.details 
1 polymer syn 
;DNA (5'-D(*CP*GP*AP*AP*AP*(TTM)P*TP*TP*TP*CP*G)-3')
;
3376.263 1 ? ? ? ? 
2 polymer syn 
;DNA (5'-D(*CP*GP*AP*AP*AP*TP*TP*TP*TP*CP*G)-3')
;
3348.209 1 ? ? ? ? 
# 
loop_
_entity_poly.entity_id 
_entity_poly.type 
_entity_poly.nstd_linkage 
_entity_poly.nstd_monomer 
_entity_poly.pdbx_seq_one_letter_code 
_entity_poly.pdbx_seq_one_letter_code_can 
_entity_poly.pdbx_strand_id 
_entity_poly.pdbx_target_identifier 
1 polydeoxyribonucleotide no yes '(DC)(DG)(DA)(DA)(DA)(TTM)(DT)(DT)(DT)(DC)(DG)' CGAAATTTTCG A ? 
2 polydeoxyribonucleotide no no  '(DC)(DG)(DA)(DA)(DA)(DT)(DT)(DT)(DT)(DC)(DG)'  CGAAATTTTCG B ? 
# 
loop_
_entity_poly_seq.entity_id 
_entity_poly_seq.num 
_entity_poly_seq.mon_id 
_entity_poly_seq.hetero 
1 1  DC  n 
1 2  DG  n 
1 3  DA  n 
1 4  DA  n 
1 5  DA  n 
1 6  TTM n 
1 7  DT  n 
1 8  DT  n 
1 9  DT  n 
1 10 DC  n 
1 11 DG  n 
2 1  DC  n 
2 2  DG  n 
2 3  DA  n 
2 4  DA  n 
2 5  DA  n 
2 6  DT  n 
2 7  DT  n 
2 8  DT  n 
2 9  DT  n 
2 10 DC  n 
2 11 DG  n 
# 
loop_
_chem_comp.id 
_chem_comp.type 
_chem_comp.mon_nstd_flag 
_chem_comp.name 
_chem_comp.pdbx_synonyms 
_chem_comp.formula 
_chem_comp.formula_weight 
DA  'DNA linking' y "2'-DEOXYADENOSINE-5'-MONOPHOSPHATE"  ? 'C10 H14 N5 O6 P' 331.222 
DC  'DNA linking' y "2'-DEOXYCYTIDINE-5'-MONOPHOSPHATE"   ? 'C9 H14 N3 O7 P'  307.197 
DG  'DNA linking' y "2'-DEOXYGUANOSINE-5'-MONOPHOSPHATE"  ? 'C10 H14 N5 O7 P' 347.221 
DT  'DNA linking' y "THYMIDINE-5'-MONOPHOSPHATE"          ? 'C10 H15 N2 O8 P' 322.208 
TTM 'DNA linking' n "N3-ETHYL-THYMIDINE-5'-MONOPHOSPHATE" ? 'C12 H19 N2 O8 P' 350.262 
# 
loop_
_pdbx_poly_seq_scheme.asym_id 
_pdbx_poly_seq_scheme.entity_id 
_pdbx_poly_seq_scheme.seq_id 
_pdbx_poly_seq_scheme.mon_id 
_pdbx_poly_seq_scheme.ndb_seq_num 
_pdbx_poly_seq_scheme.pdb_seq_num 
_pdbx_poly_seq_scheme.auth_seq_num 
_pdbx_poly_seq_scheme.pdb_mon_id 
_pdbx_poly_seq_scheme.auth_mon_id 
_pdbx_poly_seq_scheme.pdb_strand_id 
_pdbx_poly_seq_scheme.pdb_ins_code 
_pdbx_poly_seq_scheme.hetero 
A 1 1  DC  1  1  1  DC  CYT A . n 
A 1 2  DG  2  2  2  DG  GUA A . n 
A 1 3  DA  3  3  3  DA  ADE A . n 
A 1 4  DA  4  4  4  DA  ADE A . n 
A 1 5  DA  5  5  5  DA  ADE A . n 
A 1 6  TTM 6  6  6  TTM THZ A . n 
A 1 7  DT  7  7  7  DT  THY A . n 
A 1 8  DT  8  8  8  DT  THY A . n 
A 1 9  DT  9  9  9  DT  THY A . n 
A 1 10 DC  10 10 10 DC  CYT A . n 
A 1 11 DG  11 11 11 DG  GUA A . n 
B 2 1  DC  1  1  1  DC  CYT B . n 
B 2 2  DG  2  2  2  DG  GUA B . n 
B 2 3  DA  3  3  3  DA  ADE B . n 
B 2 4  DA  4  4  4  DA  ADE B . n 
B 2 5  DA  5  5  5  DA  ADE B . n 
B 2 6  DT  6  6  6  DT  THZ B . n 
B 2 7  DT  7  7  7  DT  THY B . n 
B 2 8  DT  8  8  8  DT  THY B . n 
B 2 9  DT  9  9  9  DT  THY B . n 
B 2 10 DC  10 10 10 DC  CYT B . n 
B 2 11 DG  11 11 11 DG  GUA B . n 
# 
_exptl.entry_id          1S37 
_exptl.method            'SOLUTION NMR' 
_exptl.crystals_number   ? 
# 
_exptl_crystal.id                    1 
_exptl_crystal.density_meas          ? 
_exptl_crystal.density_percent_sol   ? 
_exptl_crystal.description           ? 
_exptl_crystal.density_Matthews      ? 
# 
_diffrn.id                     1 
_diffrn.ambient_temp           ? 
_diffrn.ambient_temp_details   ? 
_diffrn.crystal_id             1 
# 
_diffrn_radiation.diffrn_id                        1 
_diffrn_radiation.wavelength_id                    1 
_diffrn_radiation.pdbx_monochromatic_or_laue_m_l   M 
_diffrn_radiation.monochromator                    ? 
_diffrn_radiation.pdbx_diffrn_protocol             'SINGLE WAVELENGTH' 
_diffrn_radiation.pdbx_scattering_type             x-ray 
# 
_diffrn_radiation_wavelength.id           1 
_diffrn_radiation_wavelength.wavelength   . 
_diffrn_radiation_wavelength.wt           1.0 
# 
_struct.entry_id                  1S37 
_struct.title                     'Accomodation of Mispair-Aligned N3T-Ethyl-N3T DNA Interstrand Crosslink' 
_struct.pdbx_model_details        ? 
_struct.pdbx_CASP_flag            ? 
_struct.pdbx_model_type_details   'minimized average' 
# 
_struct_keywords.entry_id        1S37 
_struct_keywords.pdbx_keywords   DNA 
_struct_keywords.text            'interstrand crosslink, DNA interstrand cross-link, DNA' 
# 
loop_
_struct_asym.id 
_struct_asym.pdbx_blank_PDB_chainid_flag 
_struct_asym.pdbx_modified 
_struct_asym.entity_id 
_struct_asym.details 
A N N 1 ? 
B N N 2 ? 
# 
loop_
_struct_ref.id 
_struct_ref.entity_id 
_struct_ref.db_name 
_struct_ref.db_code 
_struct_ref.pdbx_db_accession 
_struct_ref.pdbx_align_begin 
_struct_ref.pdbx_seq_one_letter_code 
_struct_ref.pdbx_db_isoform 
1 1 PDB 1S37 1S37 ? ? ? 
2 2 PDB 1S37 1S37 ? ? ? 
# 
loop_
_struct_ref_seq.align_id 
_struct_ref_seq.ref_id 
_struct_ref_seq.pdbx_PDB_id_code 
_struct_ref_seq.pdbx_strand_id 
_struct_ref_seq.seq_align_beg 
_struct_ref_seq.pdbx_seq_align_beg_ins_code 
_struct_ref_seq.seq_align_end 
_struct_ref_seq.pdbx_seq_align_end_ins_code 
_struct_ref_seq.pdbx_db_accession 
_struct_ref_seq.db_align_beg 
_struct_ref_seq.pdbx_db_align_beg_ins_code 
_struct_ref_seq.db_align_end 
_struct_ref_seq.pdbx_db_align_end_ins_code 
_struct_ref_seq.pdbx_auth_seq_align_beg 
_struct_ref_seq.pdbx_auth_seq_align_end 
1 1 1S37 A 1 ? 11 ? 1S37 1 ? 11 ? 1 11 
2 2 1S37 B 1 ? 11 ? 1S37 1 ? 11 ? 1 11 
# 
_pdbx_struct_assembly.id                   1 
_pdbx_struct_assembly.details              author_defined_assembly 
_pdbx_struct_assembly.method_details       ? 
_pdbx_struct_assembly.oligomeric_details   dimeric 
_pdbx_struct_assembly.oligomeric_count     2 
# 
_pdbx_struct_assembly_gen.assembly_id       1 
_pdbx_struct_assembly_gen.oper_expression   1 
_pdbx_struct_assembly_gen.asym_id_list      A,B 
# 
_pdbx_struct_oper_list.id                   1 
_pdbx_struct_oper_list.type                 'identity operation' 
_pdbx_struct_oper_list.name                 1_555 
_pdbx_struct_oper_list.symmetry_operation   x,y,z 
_pdbx_struct_oper_list.matrix[1][1]         1.0000000000 
_pdbx_struct_oper_list.matrix[1][2]         0.0000000000 
_pdbx_struct_oper_list.matrix[1][3]         0.0000000000 
_pdbx_struct_oper_list.vector[1]            0.0000000000 
_pdbx_struct_oper_list.matrix[2][1]         0.0000000000 
_pdbx_struct_oper_list.matrix[2][2]         1.0000000000 
_pdbx_struct_oper_list.matrix[2][3]         0.0000000000 
_pdbx_struct_oper_list.vector[2]            0.0000000000 
_pdbx_struct_oper_list.matrix[3][1]         0.0000000000 
_pdbx_struct_oper_list.matrix[3][2]         0.0000000000 
_pdbx_struct_oper_list.matrix[3][3]         1.0000000000 
_pdbx_struct_oper_list.vector[3]            0.0000000000 
# 
_struct_biol.id        1 
_struct_biol.details   ? 
# 
loop_
_struct_conn.id 
_struct_conn.conn_type_id 
_struct_conn.pdbx_leaving_atom_flag 
_struct_conn.pdbx_PDB_id 
_struct_conn.ptnr1_label_asym_id 
_struct_conn.ptnr1_label_comp_id 
_struct_conn.ptnr1_label_seq_id 
_struct_conn.ptnr1_label_atom_id 
_struct_conn.pdbx_ptnr1_label_alt_id 
_struct_conn.pdbx_ptnr1_PDB_ins_code 
_struct_conn.pdbx_ptnr1_standard_comp_id 
_struct_conn.ptnr1_symmetry 
_struct_conn.ptnr2_label_asym_id 
_struct_conn.ptnr2_label_comp_id 
_struct_conn.ptnr2_label_seq_id 
_struct_conn.ptnr2_label_atom_id 
_struct_conn.pdbx_ptnr2_label_alt_id 
_struct_conn.pdbx_ptnr2_PDB_ins_code 
_struct_conn.ptnr1_auth_asym_id 
_struct_conn.ptnr1_auth_comp_id 
_struct_conn.ptnr1_auth_seq_id 
_struct_conn.ptnr2_auth_asym_id 
_struct_conn.ptnr2_auth_comp_id 
_struct_conn.ptnr2_auth_seq_id 
_struct_conn.ptnr2_symmetry 
_struct_conn.pdbx_ptnr3_label_atom_id 
_struct_conn.pdbx_ptnr3_label_seq_id 
_struct_conn.pdbx_ptnr3_label_comp_id 
_struct_conn.pdbx_ptnr3_label_asym_id 
_struct_conn.pdbx_ptnr3_label_alt_id 
_struct_conn.pdbx_ptnr3_PDB_ins_code 
_struct_conn.details 
_struct_conn.pdbx_dist_value 
_struct_conn.pdbx_value_order 
_struct_conn.pdbx_role 
covale1  covale both ? A DA  5  "O3'" ? ? ? 1_555 A TTM 6  P  ? ? A DA  5  A TTM 6  1_555 ? ? ? ? ? ? ?            1.593 ? ? 
covale2  covale both ? A TTM 6  "O3'" ? ? ? 1_555 A DT  7  P  ? ? A TTM 6  A DT  7  1_555 ? ? ? ? ? ? ?            1.594 ? ? 
covale3  covale none ? A TTM 6  C2Q   ? ? ? 1_555 B DT  6  N3 ? ? A TTM 6  B DT  6  1_555 ? ? ? ? ? ? ?            1.479 ? ? 
hydrog1  hydrog ?    ? A DC  1  N3    ? ? ? 1_555 B DG  11 N1 ? ? A DC  1  B DG  11 1_555 ? ? ? ? ? ? WATSON-CRICK ?     ? ? 
hydrog2  hydrog ?    ? A DC  1  N4    ? ? ? 1_555 B DG  11 O6 ? ? A DC  1  B DG  11 1_555 ? ? ? ? ? ? WATSON-CRICK ?     ? ? 
hydrog3  hydrog ?    ? A DC  1  O2    ? ? ? 1_555 B DG  11 N2 ? ? A DC  1  B DG  11 1_555 ? ? ? ? ? ? WATSON-CRICK ?     ? ? 
hydrog4  hydrog ?    ? A DG  2  N1    ? ? ? 1_555 B DC  10 N3 ? ? A DG  2  B DC  10 1_555 ? ? ? ? ? ? WATSON-CRICK ?     ? ? 
hydrog5  hydrog ?    ? A DG  2  N2    ? ? ? 1_555 B DC  10 O2 ? ? A DG  2  B DC  10 1_555 ? ? ? ? ? ? WATSON-CRICK ?     ? ? 
hydrog6  hydrog ?    ? A DG  2  O6    ? ? ? 1_555 B DC  10 N4 ? ? A DG  2  B DC  10 1_555 ? ? ? ? ? ? WATSON-CRICK ?     ? ? 
hydrog7  hydrog ?    ? A DA  3  N1    ? ? ? 1_555 B DT  9  N3 ? ? A DA  3  B DT  9  1_555 ? ? ? ? ? ? WATSON-CRICK ?     ? ? 
hydrog8  hydrog ?    ? A DA  3  N6    ? ? ? 1_555 B DT  9  O4 ? ? A DA  3  B DT  9  1_555 ? ? ? ? ? ? WATSON-CRICK ?     ? ? 
hydrog9  hydrog ?    ? A DA  4  N1    ? ? ? 1_555 B DT  8  N3 ? ? A DA  4  B DT  8  1_555 ? ? ? ? ? ? WATSON-CRICK ?     ? ? 
hydrog10 hydrog ?    ? A DA  4  N6    ? ? ? 1_555 B DT  8  O4 ? ? A DA  4  B DT  8  1_555 ? ? ? ? ? ? WATSON-CRICK ?     ? ? 
hydrog11 hydrog ?    ? A DA  5  N1    ? ? ? 1_555 B DT  7  N3 ? ? A DA  5  B DT  7  1_555 ? ? ? ? ? ? WATSON-CRICK ?     ? ? 
hydrog12 hydrog ?    ? A DA  5  N6    ? ? ? 1_555 B DT  7  O4 ? ? A DA  5  B DT  7  1_555 ? ? ? ? ? ? WATSON-CRICK ?     ? ? 
hydrog13 hydrog ?    ? A DT  7  N3    ? ? ? 1_555 B DA  5  N1 ? ? A DT  7  B DA  5  1_555 ? ? ? ? ? ? WATSON-CRICK ?     ? ? 
hydrog14 hydrog ?    ? A DT  7  O4    ? ? ? 1_555 B DA  5  N6 ? ? A DT  7  B DA  5  1_555 ? ? ? ? ? ? WATSON-CRICK ?     ? ? 
hydrog15 hydrog ?    ? A DT  8  N3    ? ? ? 1_555 B DA  4  N1 ? ? A DT  8  B DA  4  1_555 ? ? ? ? ? ? WATSON-CRICK ?     ? ? 
hydrog16 hydrog ?    ? A DT  8  O4    ? ? ? 1_555 B DA  4  N6 ? ? A DT  8  B DA  4  1_555 ? ? ? ? ? ? WATSON-CRICK ?     ? ? 
hydrog17 hydrog ?    ? A DT  9  N3    ? ? ? 1_555 B DA  3  N1 ? ? A DT  9  B DA  3  1_555 ? ? ? ? ? ? WATSON-CRICK ?     ? ? 
hydrog18 hydrog ?    ? A DT  9  O4    ? ? ? 1_555 B DA  3  N6 ? ? A DT  9  B DA  3  1_555 ? ? ? ? ? ? WATSON-CRICK ?     ? ? 
hydrog19 hydrog ?    ? A DC  10 N3    ? ? ? 1_555 B DG  2  N1 ? ? A DC  10 B DG  2  1_555 ? ? ? ? ? ? WATSON-CRICK ?     ? ? 
hydrog20 hydrog ?    ? A DC  10 N4    ? ? ? 1_555 B DG  2  O6 ? ? A DC  10 B DG  2  1_555 ? ? ? ? ? ? WATSON-CRICK ?     ? ? 
hydrog21 hydrog ?    ? A DC  10 O2    ? ? ? 1_555 B DG  2  N2 ? ? A DC  10 B DG  2  1_555 ? ? ? ? ? ? WATSON-CRICK ?     ? ? 
hydrog22 hydrog ?    ? A DG  11 N1    ? ? ? 1_555 B DC  1  N3 ? ? A DG  11 B DC  1  1_555 ? ? ? ? ? ? WATSON-CRICK ?     ? ? 
hydrog23 hydrog ?    ? A DG  11 N2    ? ? ? 1_555 B DC  1  O2 ? ? A DG  11 B DC  1  1_555 ? ? ? ? ? ? WATSON-CRICK ?     ? ? 
hydrog24 hydrog ?    ? A DG  11 O6    ? ? ? 1_555 B DC  1  N4 ? ? A DG  11 B DC  1  1_555 ? ? ? ? ? ? WATSON-CRICK ?     ? ? 
# 
loop_
_struct_conn_type.id 
_struct_conn_type.criteria 
_struct_conn_type.reference 
covale ? ? 
hydrog ? ? 
# 
loop_
_pdbx_validate_rmsd_angle.id 
_pdbx_validate_rmsd_angle.PDB_model_num 
_pdbx_validate_rmsd_angle.auth_atom_id_1 
_pdbx_validate_rmsd_angle.auth_asym_id_1 
_pdbx_validate_rmsd_angle.auth_comp_id_1 
_pdbx_validate_rmsd_angle.auth_seq_id_1 
_pdbx_validate_rmsd_angle.PDB_ins_code_1 
_pdbx_validate_rmsd_angle.label_alt_id_1 
_pdbx_validate_rmsd_angle.auth_atom_id_2 
_pdbx_validate_rmsd_angle.auth_asym_id_2 
_pdbx_validate_rmsd_angle.auth_comp_id_2 
_pdbx_validate_rmsd_angle.auth_seq_id_2 
_pdbx_validate_rmsd_angle.PDB_ins_code_2 
_pdbx_validate_rmsd_angle.label_alt_id_2 
_pdbx_validate_rmsd_angle.auth_atom_id_3 
_pdbx_validate_rmsd_angle.auth_asym_id_3 
_pdbx_validate_rmsd_angle.auth_comp_id_3 
_pdbx_validate_rmsd_angle.auth_seq_id_3 
_pdbx_validate_rmsd_angle.PDB_ins_code_3 
_pdbx_validate_rmsd_angle.label_alt_id_3 
_pdbx_validate_rmsd_angle.angle_value 
_pdbx_validate_rmsd_angle.angle_target_value 
_pdbx_validate_rmsd_angle.angle_deviation 
_pdbx_validate_rmsd_angle.angle_standard_deviation 
_pdbx_validate_rmsd_angle.linker_flag 
1  1 "O4'" A DC 1  ? ? "C1'" A DC 1  ? ? "C2'" A DC 1  ? ? 100.46 105.90 -5.44  0.80 N 
2  1 "O4'" A DC 1  ? ? "C1'" A DC 1  ? ? N1    A DC 1  ? ? 114.38 108.30 6.08   0.30 N 
3  1 "C3'" A DG 2  ? ? "C2'" A DG 2  ? ? "C1'" A DG 2  ? ? 94.70  102.40 -7.70  0.80 N 
4  1 "O4'" A DG 2  ? ? "C1'" A DG 2  ? ? "C2'" A DG 2  ? ? 100.64 105.90 -5.26  0.80 N 
5  1 "O4'" A DA 3  ? ? "C1'" A DA 3  ? ? "C2'" A DA 3  ? ? 98.01  105.90 -7.89  0.80 N 
6  1 "O4'" A DA 3  ? ? "C1'" A DA 3  ? ? N9    A DA 3  ? ? 110.92 108.30 2.62   0.30 N 
7  1 C6    A DA 3  ? ? N1    A DA 3  ? ? C2    A DA 3  ? ? 122.55 118.60 3.95   0.60 N 
8  1 N1    A DA 3  ? ? C6    A DA 3  ? ? N6    A DA 3  ? ? 122.75 118.60 4.15   0.60 N 
9  1 "C3'" A DA 4  ? ? "C2'" A DA 4  ? ? "C1'" A DA 4  ? ? 97.20  102.40 -5.20  0.80 N 
10 1 "O4'" A DA 4  ? ? "C1'" A DA 4  ? ? N9    A DA 4  ? ? 113.28 108.30 4.98   0.30 N 
11 1 N1    A DA 4  ? ? C6    A DA 4  ? ? N6    A DA 4  ? ? 122.36 118.60 3.76   0.60 N 
12 1 "C4'" A DA 5  ? ? "C3'" A DA 5  ? ? "C2'" A DA 5  ? ? 96.18  102.20 -6.02  0.70 N 
13 1 N1    A DA 5  ? ? C6    A DA 5  ? ? N6    A DA 5  ? ? 122.41 118.60 3.81   0.60 N 
14 1 "C3'" A DT 7  ? ? "C2'" A DT 7  ? ? "C1'" A DT 7  ? ? 97.07  102.40 -5.33  0.80 N 
15 1 "O4'" A DT 7  ? ? "C1'" A DT 7  ? ? "C2'" A DT 7  ? ? 99.32  105.90 -6.58  0.80 N 
16 1 C4    A DT 7  ? ? C5    A DT 7  ? ? C6    A DT 7  ? ? 121.80 118.00 3.80   0.60 N 
17 1 C4    A DT 7  ? ? C5    A DT 7  ? ? C7    A DT 7  ? ? 122.64 119.00 3.64   0.60 N 
18 1 C6    A DT 7  ? ? C5    A DT 7  ? ? C7    A DT 7  ? ? 115.56 122.90 -7.34  0.60 N 
19 1 "O4'" A DT 8  ? ? "C1'" A DT 8  ? ? "C2'" A DT 8  ? ? 100.97 105.90 -4.93  0.80 N 
20 1 C4    A DT 8  ? ? C5    A DT 8  ? ? C6    A DT 8  ? ? 121.99 118.00 3.99   0.60 N 
21 1 C6    A DT 8  ? ? C5    A DT 8  ? ? C7    A DT 8  ? ? 118.96 122.90 -3.94  0.60 N 
22 1 "C1'" A DT 9  ? ? "O4'" A DT 9  ? ? "C4'" A DT 9  ? ? 103.99 110.10 -6.11  1.00 N 
23 1 "O4'" A DT 9  ? ? "C1'" A DT 9  ? ? "C2'" A DT 9  ? ? 95.61  105.90 -10.29 0.80 N 
24 1 "O4'" A DT 9  ? ? "C1'" A DT 9  ? ? N1    A DT 9  ? ? 111.72 108.30 3.42   0.30 N 
25 1 C4    A DT 9  ? ? C5    A DT 9  ? ? C6    A DT 9  ? ? 121.70 118.00 3.70   0.60 N 
26 1 C6    A DT 9  ? ? C5    A DT 9  ? ? C7    A DT 9  ? ? 116.00 122.90 -6.90  0.60 N 
27 1 "C3'" A DC 10 ? ? "C2'" A DC 10 ? ? "C1'" A DC 10 ? ? 94.35  102.40 -8.05  0.80 N 
28 1 "O4'" A DC 10 ? ? "C1'" A DC 10 ? ? "C2'" A DC 10 ? ? 100.76 105.90 -5.14  0.80 N 
29 1 "O4'" A DC 10 ? ? "C1'" A DC 10 ? ? N1    A DC 10 ? ? 111.40 108.30 3.10   0.30 N 
30 1 N1    A DC 10 ? ? C2    A DC 10 ? ? O2    A DC 10 ? ? 122.96 118.90 4.06   0.60 N 
31 1 "O4'" A DG 11 ? ? "C4'" A DG 11 ? ? "C3'" A DG 11 ? ? 99.26  104.50 -5.24  0.40 N 
32 1 "O4'" A DG 11 ? ? "C1'" A DG 11 ? ? N9    A DG 11 ? ? 111.62 108.30 3.32   0.30 N 
33 1 "O4'" B DC 1  ? ? "C1'" B DC 1  ? ? "C2'" B DC 1  ? ? 100.22 105.90 -5.68  0.80 N 
34 1 "O4'" B DC 1  ? ? "C1'" B DC 1  ? ? N1    B DC 1  ? ? 114.08 108.30 5.78   0.30 N 
35 1 "C3'" B DG 2  ? ? "C2'" B DG 2  ? ? "C1'" B DG 2  ? ? 94.88  102.40 -7.52  0.80 N 
36 1 "O4'" B DG 2  ? ? "C1'" B DG 2  ? ? "C2'" B DG 2  ? ? 100.40 105.90 -5.50  0.80 N 
37 1 "O4'" B DA 3  ? ? "C1'" B DA 3  ? ? "C2'" B DA 3  ? ? 97.85  105.90 -8.05  0.80 N 
38 1 "O4'" B DA 3  ? ? "C1'" B DA 3  ? ? N9    B DA 3  ? ? 110.95 108.30 2.65   0.30 N 
39 1 C6    B DA 3  ? ? N1    B DA 3  ? ? C2    B DA 3  ? ? 122.47 118.60 3.87   0.60 N 
40 1 N1    B DA 3  ? ? C6    B DA 3  ? ? N6    B DA 3  ? ? 122.82 118.60 4.22   0.60 N 
41 1 "C3'" B DA 4  ? ? "C2'" B DA 4  ? ? "C1'" B DA 4  ? ? 96.96  102.40 -5.44  0.80 N 
42 1 "O4'" B DA 4  ? ? "C1'" B DA 4  ? ? N9    B DA 4  ? ? 113.25 108.30 4.95   0.30 N 
43 1 N1    B DA 4  ? ? C6    B DA 4  ? ? N6    B DA 4  ? ? 122.35 118.60 3.75   0.60 N 
44 1 "C4'" B DA 5  ? ? "C3'" B DA 5  ? ? "C2'" B DA 5  ? ? 96.63  102.20 -5.57  0.70 N 
45 1 N1    B DA 5  ? ? C6    B DA 5  ? ? N6    B DA 5  ? ? 122.43 118.60 3.83   0.60 N 
46 1 C6    B DT 6  ? ? C5    B DT 6  ? ? C7    B DT 6  ? ? 116.46 122.90 -6.44  0.60 N 
47 1 "C3'" B DT 7  ? ? "C2'" B DT 7  ? ? "C1'" B DT 7  ? ? 97.15  102.40 -5.25  0.80 N 
48 1 "O4'" B DT 7  ? ? "C1'" B DT 7  ? ? "C2'" B DT 7  ? ? 98.72  105.90 -7.18  0.80 N 
49 1 C4    B DT 7  ? ? C5    B DT 7  ? ? C6    B DT 7  ? ? 121.66 118.00 3.66   0.60 N 
50 1 C6    B DT 7  ? ? C5    B DT 7  ? ? C7    B DT 7  ? ? 116.43 122.90 -6.47  0.60 N 
51 1 "C3'" B DT 8  ? ? "C2'" B DT 8  ? ? "C1'" B DT 8  ? ? 97.57  102.40 -4.83  0.80 N 
52 1 "O4'" B DT 8  ? ? "C1'" B DT 8  ? ? "C2'" B DT 8  ? ? 100.59 105.90 -5.31  0.80 N 
53 1 C4    B DT 8  ? ? C5    B DT 8  ? ? C6    B DT 8  ? ? 121.96 118.00 3.96   0.60 N 
54 1 "O4'" B DT 9  ? ? "C1'" B DT 9  ? ? "C2'" B DT 9  ? ? 95.50  105.90 -10.40 0.80 N 
55 1 "O4'" B DT 9  ? ? "C1'" B DT 9  ? ? N1    B DT 9  ? ? 111.87 108.30 3.57   0.30 N 
56 1 C4    B DT 9  ? ? C5    B DT 9  ? ? C6    B DT 9  ? ? 121.64 118.00 3.64   0.60 N 
57 1 C6    B DT 9  ? ? C5    B DT 9  ? ? C7    B DT 9  ? ? 116.51 122.90 -6.39  0.60 N 
58 1 "C3'" B DC 10 ? ? "C2'" B DC 10 ? ? "C1'" B DC 10 ? ? 94.42  102.40 -7.98  0.80 N 
59 1 "O4'" B DC 10 ? ? "C1'" B DC 10 ? ? "C2'" B DC 10 ? ? 100.49 105.90 -5.41  0.80 N 
60 1 "O4'" B DC 10 ? ? "C1'" B DC 10 ? ? N1    B DC 10 ? ? 111.50 108.30 3.20   0.30 N 
61 1 N1    B DC 10 ? ? C2    B DC 10 ? ? O2    B DC 10 ? ? 122.93 118.90 4.03   0.60 N 
62 1 "O4'" B DG 11 ? ? "C4'" B DG 11 ? ? "C3'" B DG 11 ? ? 99.42  104.50 -5.08  0.40 N 
63 1 "O4'" B DG 11 ? ? "C1'" B DG 11 ? ? N9    B DG 11 ? ? 111.64 108.30 3.34   0.30 N 
# 
_pdbx_struct_mod_residue.id               1 
_pdbx_struct_mod_residue.label_asym_id    A 
_pdbx_struct_mod_residue.label_comp_id    TTM 
_pdbx_struct_mod_residue.label_seq_id     6 
_pdbx_struct_mod_residue.auth_asym_id     A 
_pdbx_struct_mod_residue.auth_comp_id     TTM 
_pdbx_struct_mod_residue.auth_seq_id      6 
_pdbx_struct_mod_residue.PDB_ins_code     ? 
_pdbx_struct_mod_residue.parent_comp_id   DT 
_pdbx_struct_mod_residue.details          "N3-ETHYL-THYMIDINE-5'-MONOPHOSPHATE" 
# 
_pdbx_nmr_ensemble.entry_id                                      1S37 
_pdbx_nmr_ensemble.conformers_calculated_total_number            8 
_pdbx_nmr_ensemble.conformers_submitted_total_number             1 
_pdbx_nmr_ensemble.conformer_selection_criteria                  'structures with the lowest energy' 
_pdbx_nmr_ensemble.average_constraints_per_residue               ? 
_pdbx_nmr_ensemble.average_constraint_violations_per_residue     ? 
_pdbx_nmr_ensemble.maximum_distance_constraint_violation         ? 
_pdbx_nmr_ensemble.average_distance_constraint_violation         ? 
_pdbx_nmr_ensemble.maximum_upper_distance_constraint_violation   ? 
_pdbx_nmr_ensemble.maximum_lower_distance_constraint_violation   ? 
_pdbx_nmr_ensemble.distance_constraint_violation_method          ? 
_pdbx_nmr_ensemble.maximum_torsion_angle_constraint_violation    ? 
_pdbx_nmr_ensemble.average_torsion_angle_constraint_violation    ? 
_pdbx_nmr_ensemble.torsion_angle_constraint_violation_method     ? 
# 
_pdbx_nmr_representative.entry_id             1S37 
_pdbx_nmr_representative.conformer_id         8 
_pdbx_nmr_representative.selection_criteria   'minimized average structure' 
# 
_pdbx_nmr_sample_details.solution_id      1 
_pdbx_nmr_sample_details.contents         '100 mM NaCl, pH 7.4 adjusted with phosphate buffer' 
_pdbx_nmr_sample_details.solvent_system   'H2O, D2O' 
# 
loop_
_pdbx_nmr_exptl_sample_conditions.conditions_id 
_pdbx_nmr_exptl_sample_conditions.temperature 
_pdbx_nmr_exptl_sample_conditions.pressure 
_pdbx_nmr_exptl_sample_conditions.pH 
_pdbx_nmr_exptl_sample_conditions.ionic_strength 
_pdbx_nmr_exptl_sample_conditions.pressure_units 
_pdbx_nmr_exptl_sample_conditions.temperature_units 
1 273 normal 7.4 '0.1 mM NaCl' ? K 
2 298 normal 7.4 '0.1 mM NaCl' ? K 
# 
loop_
_pdbx_nmr_exptl.experiment_id 
_pdbx_nmr_exptl.solution_id 
_pdbx_nmr_exptl.conditions_id 
_pdbx_nmr_exptl.type 
1 1 1 '2D NOESY' 
2 1 1 '2D TOCSY' 
3 1 1 DQF-COSY   
# 
_pdbx_nmr_details.entry_id   1S37 
_pdbx_nmr_details.text       'Structure Determined using standard NMR experiments.' 
# 
_pdbx_nmr_refine.entry_id           1S37 
_pdbx_nmr_refine.method             'distance geometry, simulated annealing, molecular dynamics' 
_pdbx_nmr_refine.details            ? 
_pdbx_nmr_refine.software_ordinal   1 
# 
loop_
_pdbx_nmr_software.name 
_pdbx_nmr_software.version 
_pdbx_nmr_software.classification 
_pdbx_nmr_software.authors 
_pdbx_nmr_software.ordinal 
Felix  2000 'data analysis' ?              1 
X-PLOR 3.2  refinement      'A.T. Brunger' 2 
# 
loop_
_chem_comp_atom.comp_id 
_chem_comp_atom.atom_id 
_chem_comp_atom.type_symbol 
_chem_comp_atom.pdbx_aromatic_flag 
_chem_comp_atom.pdbx_stereo_config 
_chem_comp_atom.pdbx_ordinal 
DA  OP3    O N N 1   
DA  P      P N N 2   
DA  OP1    O N N 3   
DA  OP2    O N N 4   
DA  "O5'"  O N N 5   
DA  "C5'"  C N N 6   
DA  "C4'"  C N R 7   
DA  "O4'"  O N N 8   
DA  "C3'"  C N S 9   
DA  "O3'"  O N N 10  
DA  "C2'"  C N N 11  
DA  "C1'"  C N R 12  
DA  N9     N Y N 13  
DA  C8     C Y N 14  
DA  N7     N Y N 15  
DA  C5     C Y N 16  
DA  C6     C Y N 17  
DA  N6     N N N 18  
DA  N1     N Y N 19  
DA  C2     C Y N 20  
DA  N3     N Y N 21  
DA  C4     C Y N 22  
DA  HOP3   H N N 23  
DA  HOP2   H N N 24  
DA  "H5'"  H N N 25  
DA  "H5''" H N N 26  
DA  "H4'"  H N N 27  
DA  "H3'"  H N N 28  
DA  "HO3'" H N N 29  
DA  "H2'"  H N N 30  
DA  "H2''" H N N 31  
DA  "H1'"  H N N 32  
DA  H8     H N N 33  
DA  H61    H N N 34  
DA  H62    H N N 35  
DA  H2     H N N 36  
DC  OP3    O N N 37  
DC  P      P N N 38  
DC  OP1    O N N 39  
DC  OP2    O N N 40  
DC  "O5'"  O N N 41  
DC  "C5'"  C N N 42  
DC  "C4'"  C N R 43  
DC  "O4'"  O N N 44  
DC  "C3'"  C N S 45  
DC  "O3'"  O N N 46  
DC  "C2'"  C N N 47  
DC  "C1'"  C N R 48  
DC  N1     N N N 49  
DC  C2     C N N 50  
DC  O2     O N N 51  
DC  N3     N N N 52  
DC  C4     C N N 53  
DC  N4     N N N 54  
DC  C5     C N N 55  
DC  C6     C N N 56  
DC  HOP3   H N N 57  
DC  HOP2   H N N 58  
DC  "H5'"  H N N 59  
DC  "H5''" H N N 60  
DC  "H4'"  H N N 61  
DC  "H3'"  H N N 62  
DC  "HO3'" H N N 63  
DC  "H2'"  H N N 64  
DC  "H2''" H N N 65  
DC  "H1'"  H N N 66  
DC  H41    H N N 67  
DC  H42    H N N 68  
DC  H5     H N N 69  
DC  H6     H N N 70  
DG  OP3    O N N 71  
DG  P      P N N 72  
DG  OP1    O N N 73  
DG  OP2    O N N 74  
DG  "O5'"  O N N 75  
DG  "C5'"  C N N 76  
DG  "C4'"  C N R 77  
DG  "O4'"  O N N 78  
DG  "C3'"  C N S 79  
DG  "O3'"  O N N 80  
DG  "C2'"  C N N 81  
DG  "C1'"  C N R 82  
DG  N9     N Y N 83  
DG  C8     C Y N 84  
DG  N7     N Y N 85  
DG  C5     C Y N 86  
DG  C6     C N N 87  
DG  O6     O N N 88  
DG  N1     N N N 89  
DG  C2     C N N 90  
DG  N2     N N N 91  
DG  N3     N N N 92  
DG  C4     C Y N 93  
DG  HOP3   H N N 94  
DG  HOP2   H N N 95  
DG  "H5'"  H N N 96  
DG  "H5''" H N N 97  
DG  "H4'"  H N N 98  
DG  "H3'"  H N N 99  
DG  "HO3'" H N N 100 
DG  "H2'"  H N N 101 
DG  "H2''" H N N 102 
DG  "H1'"  H N N 103 
DG  H8     H N N 104 
DG  H1     H N N 105 
DG  H21    H N N 106 
DG  H22    H N N 107 
DT  OP3    O N N 108 
DT  P      P N N 109 
DT  OP1    O N N 110 
DT  OP2    O N N 111 
DT  "O5'"  O N N 112 
DT  "C5'"  C N N 113 
DT  "C4'"  C N R 114 
DT  "O4'"  O N N 115 
DT  "C3'"  C N S 116 
DT  "O3'"  O N N 117 
DT  "C2'"  C N N 118 
DT  "C1'"  C N R 119 
DT  N1     N N N 120 
DT  C2     C N N 121 
DT  O2     O N N 122 
DT  N3     N N N 123 
DT  C4     C N N 124 
DT  O4     O N N 125 
DT  C5     C N N 126 
DT  C7     C N N 127 
DT  C6     C N N 128 
DT  HOP3   H N N 129 
DT  HOP2   H N N 130 
DT  "H5'"  H N N 131 
DT  "H5''" H N N 132 
DT  "H4'"  H N N 133 
DT  "H3'"  H N N 134 
DT  "HO3'" H N N 135 
DT  "H2'"  H N N 136 
DT  "H2''" H N N 137 
DT  "H1'"  H N N 138 
DT  H3     H N N 139 
DT  H71    H N N 140 
DT  H72    H N N 141 
DT  H73    H N N 142 
DT  H6     H N N 143 
TTM P      P N N 144 
TTM OP1    O N N 145 
TTM OP2    O N N 146 
TTM "O5'"  O N N 147 
TTM "C5'"  C N N 148 
TTM "C4'"  C N R 149 
TTM "O4'"  O N N 150 
TTM "C1'"  C N R 151 
TTM N1     N N N 152 
TTM C6     C N N 153 
TTM C2     C N N 154 
TTM O2     O N N 155 
TTM N3     N N N 156 
TTM C1Q    C N N 157 
TTM C2Q    C N N 158 
TTM C4     C N N 159 
TTM O4     O N N 160 
TTM C5     C N N 161 
TTM C5M    C N N 162 
TTM "C2'"  C N N 163 
TTM "C3'"  C N S 164 
TTM "O3'"  O N N 165 
TTM OP3    O N N 166 
TTM HOP2   H N N 167 
TTM "H5'"  H N N 168 
TTM "H5''" H N N 169 
TTM "H4'"  H N N 170 
TTM "H1'"  H N N 171 
TTM H6     H N N 172 
TTM H1Q    H N N 173 
TTM H2Q    H N N 174 
TTM H2     H N N 175 
TTM H3Q    H N N 176 
TTM H4Q    H N N 177 
TTM H71    H N N 178 
TTM H72    H N N 179 
TTM H73    H N N 180 
TTM "H2'"  H N N 181 
TTM "H2''" H N N 182 
TTM "H3'"  H N N 183 
TTM "HO3'" H N N 184 
TTM HOP3   H N N 185 
# 
loop_
_chem_comp_bond.comp_id 
_chem_comp_bond.atom_id_1 
_chem_comp_bond.atom_id_2 
_chem_comp_bond.value_order 
_chem_comp_bond.pdbx_aromatic_flag 
_chem_comp_bond.pdbx_stereo_config 
_chem_comp_bond.pdbx_ordinal 
DA  OP3   P      sing N N 1   
DA  OP3   HOP3   sing N N 2   
DA  P     OP1    doub N N 3   
DA  P     OP2    sing N N 4   
DA  P     "O5'"  sing N N 5   
DA  OP2   HOP2   sing N N 6   
DA  "O5'" "C5'"  sing N N 7   
DA  "C5'" "C4'"  sing N N 8   
DA  "C5'" "H5'"  sing N N 9   
DA  "C5'" "H5''" sing N N 10  
DA  "C4'" "O4'"  sing N N 11  
DA  "C4'" "C3'"  sing N N 12  
DA  "C4'" "H4'"  sing N N 13  
DA  "O4'" "C1'"  sing N N 14  
DA  "C3'" "O3'"  sing N N 15  
DA  "C3'" "C2'"  sing N N 16  
DA  "C3'" "H3'"  sing N N 17  
DA  "O3'" "HO3'" sing N N 18  
DA  "C2'" "C1'"  sing N N 19  
DA  "C2'" "H2'"  sing N N 20  
DA  "C2'" "H2''" sing N N 21  
DA  "C1'" N9     sing N N 22  
DA  "C1'" "H1'"  sing N N 23  
DA  N9    C8     sing Y N 24  
DA  N9    C4     sing Y N 25  
DA  C8    N7     doub Y N 26  
DA  C8    H8     sing N N 27  
DA  N7    C5     sing Y N 28  
DA  C5    C6     sing Y N 29  
DA  C5    C4     doub Y N 30  
DA  C6    N6     sing N N 31  
DA  C6    N1     doub Y N 32  
DA  N6    H61    sing N N 33  
DA  N6    H62    sing N N 34  
DA  N1    C2     sing Y N 35  
DA  C2    N3     doub Y N 36  
DA  C2    H2     sing N N 37  
DA  N3    C4     sing Y N 38  
DC  OP3   P      sing N N 39  
DC  OP3   HOP3   sing N N 40  
DC  P     OP1    doub N N 41  
DC  P     OP2    sing N N 42  
DC  P     "O5'"  sing N N 43  
DC  OP2   HOP2   sing N N 44  
DC  "O5'" "C5'"  sing N N 45  
DC  "C5'" "C4'"  sing N N 46  
DC  "C5'" "H5'"  sing N N 47  
DC  "C5'" "H5''" sing N N 48  
DC  "C4'" "O4'"  sing N N 49  
DC  "C4'" "C3'"  sing N N 50  
DC  "C4'" "H4'"  sing N N 51  
DC  "O4'" "C1'"  sing N N 52  
DC  "C3'" "O3'"  sing N N 53  
DC  "C3'" "C2'"  sing N N 54  
DC  "C3'" "H3'"  sing N N 55  
DC  "O3'" "HO3'" sing N N 56  
DC  "C2'" "C1'"  sing N N 57  
DC  "C2'" "H2'"  sing N N 58  
DC  "C2'" "H2''" sing N N 59  
DC  "C1'" N1     sing N N 60  
DC  "C1'" "H1'"  sing N N 61  
DC  N1    C2     sing N N 62  
DC  N1    C6     sing N N 63  
DC  C2    O2     doub N N 64  
DC  C2    N3     sing N N 65  
DC  N3    C4     doub N N 66  
DC  C4    N4     sing N N 67  
DC  C4    C5     sing N N 68  
DC  N4    H41    sing N N 69  
DC  N4    H42    sing N N 70  
DC  C5    C6     doub N N 71  
DC  C5    H5     sing N N 72  
DC  C6    H6     sing N N 73  
DG  OP3   P      sing N N 74  
DG  OP3   HOP3   sing N N 75  
DG  P     OP1    doub N N 76  
DG  P     OP2    sing N N 77  
DG  P     "O5'"  sing N N 78  
DG  OP2   HOP2   sing N N 79  
DG  "O5'" "C5'"  sing N N 80  
DG  "C5'" "C4'"  sing N N 81  
DG  "C5'" "H5'"  sing N N 82  
DG  "C5'" "H5''" sing N N 83  
DG  "C4'" "O4'"  sing N N 84  
DG  "C4'" "C3'"  sing N N 85  
DG  "C4'" "H4'"  sing N N 86  
DG  "O4'" "C1'"  sing N N 87  
DG  "C3'" "O3'"  sing N N 88  
DG  "C3'" "C2'"  sing N N 89  
DG  "C3'" "H3'"  sing N N 90  
DG  "O3'" "HO3'" sing N N 91  
DG  "C2'" "C1'"  sing N N 92  
DG  "C2'" "H2'"  sing N N 93  
DG  "C2'" "H2''" sing N N 94  
DG  "C1'" N9     sing N N 95  
DG  "C1'" "H1'"  sing N N 96  
DG  N9    C8     sing Y N 97  
DG  N9    C4     sing Y N 98  
DG  C8    N7     doub Y N 99  
DG  C8    H8     sing N N 100 
DG  N7    C5     sing Y N 101 
DG  C5    C6     sing N N 102 
DG  C5    C4     doub Y N 103 
DG  C6    O6     doub N N 104 
DG  C6    N1     sing N N 105 
DG  N1    C2     sing N N 106 
DG  N1    H1     sing N N 107 
DG  C2    N2     sing N N 108 
DG  C2    N3     doub N N 109 
DG  N2    H21    sing N N 110 
DG  N2    H22    sing N N 111 
DG  N3    C4     sing N N 112 
DT  OP3   P      sing N N 113 
DT  OP3   HOP3   sing N N 114 
DT  P     OP1    doub N N 115 
DT  P     OP2    sing N N 116 
DT  P     "O5'"  sing N N 117 
DT  OP2   HOP2   sing N N 118 
DT  "O5'" "C5'"  sing N N 119 
DT  "C5'" "C4'"  sing N N 120 
DT  "C5'" "H5'"  sing N N 121 
DT  "C5'" "H5''" sing N N 122 
DT  "C4'" "O4'"  sing N N 123 
DT  "C4'" "C3'"  sing N N 124 
DT  "C4'" "H4'"  sing N N 125 
DT  "O4'" "C1'"  sing N N 126 
DT  "C3'" "O3'"  sing N N 127 
DT  "C3'" "C2'"  sing N N 128 
DT  "C3'" "H3'"  sing N N 129 
DT  "O3'" "HO3'" sing N N 130 
DT  "C2'" "C1'"  sing N N 131 
DT  "C2'" "H2'"  sing N N 132 
DT  "C2'" "H2''" sing N N 133 
DT  "C1'" N1     sing N N 134 
DT  "C1'" "H1'"  sing N N 135 
DT  N1    C2     sing N N 136 
DT  N1    C6     sing N N 137 
DT  C2    O2     doub N N 138 
DT  C2    N3     sing N N 139 
DT  N3    C4     sing N N 140 
DT  N3    H3     sing N N 141 
DT  C4    O4     doub N N 142 
DT  C4    C5     sing N N 143 
DT  C5    C7     sing N N 144 
DT  C5    C6     doub N N 145 
DT  C7    H71    sing N N 146 
DT  C7    H72    sing N N 147 
DT  C7    H73    sing N N 148 
DT  C6    H6     sing N N 149 
TTM P     OP1    doub N N 150 
TTM P     OP2    sing N N 151 
TTM P     "O5'"  sing N N 152 
TTM P     OP3    sing N N 153 
TTM OP2   HOP2   sing N N 154 
TTM "O5'" "C5'"  sing N N 155 
TTM "C5'" "C4'"  sing N N 156 
TTM "C5'" "H5'"  sing N N 157 
TTM "C5'" "H5''" sing N N 158 
TTM "C4'" "O4'"  sing N N 159 
TTM "C4'" "C3'"  sing N N 160 
TTM "C4'" "H4'"  sing N N 161 
TTM "O4'" "C1'"  sing N N 162 
TTM "C1'" N1     sing N N 163 
TTM "C1'" "C2'"  sing N N 164 
TTM "C1'" "H1'"  sing N N 165 
TTM N1    C6     sing N N 166 
TTM N1    C2     sing N N 167 
TTM C6    C5     doub N N 168 
TTM C6    H6     sing N N 169 
TTM C2    O2     doub N N 170 
TTM C2    N3     sing N N 171 
TTM N3    C1Q    sing N N 172 
TTM N3    C4     sing N N 173 
TTM C1Q   C2Q    sing N N 174 
TTM C1Q   H1Q    sing N N 175 
TTM C1Q   H2Q    sing N N 176 
TTM C2Q   H2     sing N N 177 
TTM C2Q   H3Q    sing N N 178 
TTM C2Q   H4Q    sing N N 179 
TTM C4    O4     doub N N 180 
TTM C4    C5     sing N N 181 
TTM C5    C5M    sing N N 182 
TTM C5M   H71    sing N N 183 
TTM C5M   H72    sing N N 184 
TTM C5M   H73    sing N N 185 
TTM "C2'" "C3'"  sing N N 186 
TTM "C2'" "H2'"  sing N N 187 
TTM "C2'" "H2''" sing N N 188 
TTM "C3'" "O3'"  sing N N 189 
TTM "C3'" "H3'"  sing N N 190 
TTM "O3'" "HO3'" sing N N 191 
TTM OP3   HOP3   sing N N 192 
# 
loop_
_ndb_struct_conf_na.entry_id 
_ndb_struct_conf_na.feature 
1S37 'double helix'         
1S37 'mismatched base pair' 
# 
loop_
_ndb_struct_na_base_pair.model_number 
_ndb_struct_na_base_pair.i_label_asym_id 
_ndb_struct_na_base_pair.i_label_comp_id 
_ndb_struct_na_base_pair.i_label_seq_id 
_ndb_struct_na_base_pair.i_symmetry 
_ndb_struct_na_base_pair.j_label_asym_id 
_ndb_struct_na_base_pair.j_label_comp_id 
_ndb_struct_na_base_pair.j_label_seq_id 
_ndb_struct_na_base_pair.j_symmetry 
_ndb_struct_na_base_pair.shear 
_ndb_struct_na_base_pair.stretch 
_ndb_struct_na_base_pair.stagger 
_ndb_struct_na_base_pair.buckle 
_ndb_struct_na_base_pair.propeller 
_ndb_struct_na_base_pair.opening 
_ndb_struct_na_base_pair.pair_number 
_ndb_struct_na_base_pair.pair_name 
_ndb_struct_na_base_pair.i_auth_asym_id 
_ndb_struct_na_base_pair.i_auth_seq_id 
_ndb_struct_na_base_pair.i_PDB_ins_code 
_ndb_struct_na_base_pair.j_auth_asym_id 
_ndb_struct_na_base_pair.j_auth_seq_id 
_ndb_struct_na_base_pair.j_PDB_ins_code 
_ndb_struct_na_base_pair.hbond_type_28 
_ndb_struct_na_base_pair.hbond_type_12 
1 A DC 1  1_555 B DG 11 1_555 0.176  -0.268 -0.044 0.818  0.231  -1.656 1  A_DC1:DG11_B A 1  ? B 11 ? 19 1 
1 A DG 2  1_555 B DC 10 1_555 -0.065 -0.163 0.006  0.050  -0.425 -3.573 2  A_DG2:DC10_B A 2  ? B 10 ? 19 1 
1 A DA 3  1_555 B DT 9  1_555 -0.119 -0.251 0.100  0.344  1.008  1.635  3  A_DA3:DT9_B  A 3  ? B 9  ? 20 1 
1 A DA 4  1_555 B DT 8  1_555 0.054  -0.168 -0.214 -0.885 -2.269 -7.381 4  A_DA4:DT8_B  A 4  ? B 8  ? 20 1 
1 A DA 5  1_555 B DT 7  1_555 -0.160 -0.281 0.008  2.129  -2.360 -0.452 5  A_DA5:DT7_B  A 5  ? B 7  ? 20 1 
1 A DT 7  1_555 B DA 5  1_555 0.160  -0.284 0.018  -2.206 -2.328 -0.565 6  A_DT7:DA5_B  A 7  ? B 5  ? 20 1 
1 A DT 8  1_555 B DA 4  1_555 -0.054 -0.172 -0.228 1.109  -2.263 -7.456 7  A_DT8:DA4_B  A 8  ? B 4  ? 20 1 
1 A DT 9  1_555 B DA 3  1_555 0.119  -0.255 0.115  -0.616 0.965  1.593  8  A_DT9:DA3_B  A 9  ? B 3  ? 20 1 
1 A DC 10 1_555 B DG 2  1_555 0.061  -0.164 0.007  -0.127 -0.412 -3.681 9  A_DC10:DG2_B A 10 ? B 2  ? 19 1 
1 A DG 11 1_555 B DC 1  1_555 -0.174 -0.268 -0.042 -0.796 0.250  -1.729 10 A_DG11:DC1_B A 11 ? B 1  ? 19 1 
# 
loop_
_ndb_struct_na_base_pair_step.model_number 
_ndb_struct_na_base_pair_step.i_label_asym_id_1 
_ndb_struct_na_base_pair_step.i_label_comp_id_1 
_ndb_struct_na_base_pair_step.i_label_seq_id_1 
_ndb_struct_na_base_pair_step.i_symmetry_1 
_ndb_struct_na_base_pair_step.j_label_asym_id_1 
_ndb_struct_na_base_pair_step.j_label_comp_id_1 
_ndb_struct_na_base_pair_step.j_label_seq_id_1 
_ndb_struct_na_base_pair_step.j_symmetry_1 
_ndb_struct_na_base_pair_step.i_label_asym_id_2 
_ndb_struct_na_base_pair_step.i_label_comp_id_2 
_ndb_struct_na_base_pair_step.i_label_seq_id_2 
_ndb_struct_na_base_pair_step.i_symmetry_2 
_ndb_struct_na_base_pair_step.j_label_asym_id_2 
_ndb_struct_na_base_pair_step.j_label_comp_id_2 
_ndb_struct_na_base_pair_step.j_label_seq_id_2 
_ndb_struct_na_base_pair_step.j_symmetry_2 
_ndb_struct_na_base_pair_step.shift 
_ndb_struct_na_base_pair_step.slide 
_ndb_struct_na_base_pair_step.rise 
_ndb_struct_na_base_pair_step.tilt 
_ndb_struct_na_base_pair_step.roll 
_ndb_struct_na_base_pair_step.twist 
_ndb_struct_na_base_pair_step.x_displacement 
_ndb_struct_na_base_pair_step.y_displacement 
_ndb_struct_na_base_pair_step.helical_rise 
_ndb_struct_na_base_pair_step.inclination 
_ndb_struct_na_base_pair_step.tip 
_ndb_struct_na_base_pair_step.helical_twist 
_ndb_struct_na_base_pair_step.step_number 
_ndb_struct_na_base_pair_step.step_name 
_ndb_struct_na_base_pair_step.i_auth_asym_id_1 
_ndb_struct_na_base_pair_step.i_auth_seq_id_1 
_ndb_struct_na_base_pair_step.i_PDB_ins_code_1 
_ndb_struct_na_base_pair_step.j_auth_asym_id_1 
_ndb_struct_na_base_pair_step.j_auth_seq_id_1 
_ndb_struct_na_base_pair_step.j_PDB_ins_code_1 
_ndb_struct_na_base_pair_step.i_auth_asym_id_2 
_ndb_struct_na_base_pair_step.i_auth_seq_id_2 
_ndb_struct_na_base_pair_step.i_PDB_ins_code_2 
_ndb_struct_na_base_pair_step.j_auth_asym_id_2 
_ndb_struct_na_base_pair_step.j_auth_seq_id_2 
_ndb_struct_na_base_pair_step.j_PDB_ins_code_2 
1 A DC 1  1_555 B DG 11 1_555 A DG 2  1_555 B DC 10 1_555 0.154  0.333  3.026 -0.640 0.699   42.605 0.393  -0.272 3.028 0.962   
0.881  42.615 1 AA_DC1DG2:DC10DG11_BB A 1  ? B 11 ? A 2  ? B 10 ? 
1 A DG 2  1_555 B DC 10 1_555 A DA 3  1_555 B DT 9  1_555 0.720  -0.712 3.119 0.653  7.352   32.385 -2.396 -1.157 2.905 12.972  
-1.153 33.193 2 AA_DG2DA3:DT9DC10_BB  A 2  ? B 10 ? A 3  ? B 9  ? 
1 A DA 3  1_555 B DT 9  1_555 A DA 4  1_555 B DT 8  1_555 -1.371 -0.187 3.326 -0.430 5.088   36.482 -0.997 2.112  3.287 8.078   
0.683  36.826 3 AA_DA3DA4:DT8DT9_BB   A 3  ? B 9  ? A 4  ? B 8  ? 
1 A DA 4  1_555 B DT 8  1_555 A DA 5  1_555 B DT 7  1_555 -0.234 0.026  3.043 -2.140 -12.363 43.160 1.081  0.126  2.937 -16.397 
2.838  44.863 4 AA_DA4DA5:DT7DT8_BB   A 4  ? B 8  ? A 5  ? B 7  ? 
1 A DA 5  1_555 B DT 7  1_555 A DT 7  1_555 B DA 5  1_555 0.002  -0.807 6.149 -0.084 2.463   71.026 -0.853 -0.007 6.122 2.119   
0.072  71.063 5 AA_DA5DT7:DA5DT7_BB   A 5  ? B 7  ? A 7  ? B 5  ? 
1 A DT 7  1_555 B DA 5  1_555 A DT 8  1_555 B DA 4  1_555 0.235  0.025  3.032 2.334  -12.411 43.165 1.079  -0.111 2.926 -16.453 
-3.094 44.890 6 AA_DT7DT8:DA4DA5_BB   A 7  ? B 5  ? A 8  ? B 4  ? 
1 A DT 8  1_555 B DA 4  1_555 A DT 9  1_555 B DA 3  1_555 1.375  -0.189 3.342 0.259  5.158   36.512 -1.011 -2.138 3.295 8.182   
-0.411 36.863 7 AA_DT8DT9:DA3DA4_BB   A 8  ? B 4  ? A 9  ? B 3  ? 
1 A DT 9  1_555 B DA 3  1_555 A DC 10 1_555 B DG 2  1_555 -0.723 -0.715 3.111 -0.588 7.293   32.359 -2.394 1.175  2.898 12.882  
1.038  33.154 8 AA_DT9DC10:DG2DA3_BB  A 9  ? B 3  ? A 10 ? B 2  ? 
1 A DC 10 1_555 B DG 2  1_555 A DG 11 1_555 B DC 1  1_555 -0.154 0.331  3.023 0.635  0.659   42.675 0.393  0.270  3.025 0.905   
-0.872 42.684 9 AA_DC10DG11:DC1DG2_BB A 10 ? B 2  ? A 11 ? B 1  ? 
# 
loop_
_pdbx_nmr_spectrometer.spectrometer_id 
_pdbx_nmr_spectrometer.type 
_pdbx_nmr_spectrometer.manufacturer 
_pdbx_nmr_spectrometer.model 
_pdbx_nmr_spectrometer.field_strength 
1 ? Varian INOVA 800 
2 ? Varian INOVA 600 
# 
_atom_sites.entry_id                    1S37 
_atom_sites.fract_transf_matrix[1][1]   1.000000 
_atom_sites.fract_transf_matrix[1][2]   0.000000 
_atom_sites.fract_transf_matrix[1][3]   0.000000 
_atom_sites.fract_transf_matrix[2][1]   0.000000 
_atom_sites.fract_transf_matrix[2][2]   1.000000 
_atom_sites.fract_transf_matrix[2][3]   0.000000 
_atom_sites.fract_transf_matrix[3][1]   0.000000 
_atom_sites.fract_transf_matrix[3][2]   0.000000 
_atom_sites.fract_transf_matrix[3][3]   1.000000 
_atom_sites.fract_transf_vector[1]      0.00000 
_atom_sites.fract_transf_vector[2]      0.00000 
_atom_sites.fract_transf_vector[3]      0.00000 
# 
loop_
_atom_type.symbol 
C 
H 
N 
O 
P 
# 
loop_
_atom_site.group_PDB 
_atom_site.id 
_atom_site.type_symbol 
_atom_site.label_atom_id 
_atom_site.label_alt_id 
_atom_site.label_comp_id 
_atom_site.label_asym_id 
_atom_site.label_entity_id 
_atom_site.label_seq_id 
_atom_site.pdbx_PDB_ins_code 
_atom_site.Cartn_x 
_atom_site.Cartn_y 
_atom_site.Cartn_z 
_atom_site.occupancy 
_atom_site.B_iso_or_equiv 
_atom_site.pdbx_formal_charge 
_atom_site.auth_seq_id 
_atom_site.auth_comp_id 
_atom_site.auth_asym_id 
_atom_site.auth_atom_id 
_atom_site.pdbx_PDB_model_num 
ATOM   1   O "O5'"  . DC  A 1 1  ? 15.284  -8.686  -11.049 1.00 0.55 ? 1  DC  A "O5'"  1 
ATOM   2   C "C5'"  . DC  A 1 1  ? 13.981  -9.000  -10.573 1.00 0.47 ? 1  DC  A "C5'"  1 
ATOM   3   C "C4'"  . DC  A 1 1  ? 13.798  -8.339  -9.227  1.00 0.40 ? 1  DC  A "C4'"  1 
ATOM   4   O "O4'"  . DC  A 1 1  ? 14.094  -6.948  -9.388  1.00 0.36 ? 1  DC  A "O4'"  1 
ATOM   5   C "C3'"  . DC  A 1 1  ? 12.425  -8.414  -8.568  1.00 0.36 ? 1  DC  A "C3'"  1 
ATOM   6   O "O3'"  . DC  A 1 1  ? 12.410  -8.687  -7.172  1.00 0.38 ? 1  DC  A "O3'"  1 
ATOM   7   C "C2'"  . DC  A 1 1  ? 11.942  -7.017  -8.714  1.00 0.31 ? 1  DC  A "C2'"  1 
ATOM   8   C "C1'"  . DC  A 1 1  ? 13.246  -6.299  -8.448  1.00 0.30 ? 1  DC  A "C1'"  1 
ATOM   9   N N1     . DC  A 1 1  ? 13.128  -4.860  -8.637  1.00 0.28 ? 1  DC  A N1     1 
ATOM   10  C C2     . DC  A 1 1  ? 13.725  -4.021  -7.722  1.00 0.27 ? 1  DC  A C2     1 
ATOM   11  O O2     . DC  A 1 1  ? 14.372  -4.452  -6.774  1.00 0.30 ? 1  DC  A O2     1 
ATOM   12  N N3     . DC  A 1 1  ? 13.582  -2.686  -7.891  1.00 0.26 ? 1  DC  A N3     1 
ATOM   13  C C4     . DC  A 1 1  ? 12.884  -2.187  -8.915  1.00 0.27 ? 1  DC  A C4     1 
ATOM   14  N N4     . DC  A 1 1  ? 12.776  -0.861  -9.017  1.00 0.27 ? 1  DC  A N4     1 
ATOM   15  C C5     . DC  A 1 1  ? 12.266  -3.068  -9.871  1.00 0.28 ? 1  DC  A C5     1 
ATOM   16  C C6     . DC  A 1 1  ? 12.422  -4.394  -9.681  1.00 0.28 ? 1  DC  A C6     1 
ATOM   17  H "H5'"  . DC  A 1 1  ? 13.834  -10.070 -10.449 1.00 0.52 ? 1  DC  A "H5'"  1 
ATOM   18  H "H5''" . DC  A 1 1  ? 13.248  -8.604  -11.276 1.00 0.50 ? 1  DC  A "H5''" 1 
ATOM   19  H "H4'"  . DC  A 1 1  ? 14.470  -8.710  -8.456  1.00 0.42 ? 1  DC  A "H4'"  1 
ATOM   20  H "H3'"  . DC  A 1 1  ? 11.684  -8.848  -9.226  1.00 0.40 ? 1  DC  A "H3'"  1 
ATOM   21  H "H2'"  . DC  A 1 1  ? 11.488  -6.913  -9.677  1.00 0.35 ? 1  DC  A "H2'"  1 
ATOM   22  H "H2''" . DC  A 1 1  ? 11.200  -6.785  -7.967  1.00 0.33 ? 1  DC  A "H2''" 1 
ATOM   23  H "H1'"  . DC  A 1 1  ? 13.556  -6.393  -7.433  1.00 0.31 ? 1  DC  A "H1'"  1 
ATOM   24  H H41    . DC  A 1 1  ? 13.200  -0.238  -8.335  1.00 0.27 ? 1  DC  A H41    1 
ATOM   25  H H42    . DC  A 1 1  ? 12.270  -0.455  -9.776  1.00 0.31 ? 1  DC  A H42    1 
ATOM   26  H H5     . DC  A 1 1  ? 11.691  -2.745  -10.717 1.00 0.29 ? 1  DC  A H5     1 
ATOM   27  H H6     . DC  A 1 1  ? 12.027  -5.211  -10.296 1.00 0.31 ? 1  DC  A H6     1 
ATOM   28  H "HO5'" . DC  A 1 1  ? 15.441  -7.804  -10.699 1.00 0.78 ? 1  DC  A "HO5'" 1 
ATOM   29  P P      . DG  A 1 2  ? 12.654  -10.186 -6.671  1.00 0.40 ? 2  DG  A P      1 
ATOM   30  O OP1    . DG  A 1 2  ? 13.975  -10.637 -7.162  1.00 0.47 ? 2  DG  A OP1    1 
ATOM   31  O OP2    . DG  A 1 2  ? 11.442  -10.974 -6.989  1.00 0.46 ? 2  DG  A OP2    1 
ATOM   32  O "O5'"  . DG  A 1 2  ? 12.741  -10.006 -5.091  1.00 0.40 ? 2  DG  A "O5'"  1 
ATOM   33  C "C5'"  . DG  A 1 2  ? 14.043  -9.894  -4.539  1.00 0.42 ? 2  DG  A "C5'"  1 
ATOM   34  C "C4'"  . DG  A 1 2  ? 14.162  -8.708  -3.605  1.00 0.37 ? 2  DG  A "C4'"  1 
ATOM   35  O "O4'"  . DG  A 1 2  ? 13.971  -7.460  -4.274  1.00 0.33 ? 2  DG  A "O4'"  1 
ATOM   36  C "C3'"  . DG  A 1 2  ? 13.169  -8.639  -2.465  1.00 0.34 ? 2  DG  A "C3'"  1 
ATOM   37  O "O3'"  . DG  A 1 2  ? 13.644  -7.974  -1.298  1.00 0.36 ? 2  DG  A "O3'"  1 
ATOM   38  C "C2'"  . DG  A 1 2  ? 12.069  -7.828  -3.107  1.00 0.30 ? 2  DG  A "C2'"  1 
ATOM   39  C "C1'"  . DG  A 1 2  ? 12.977  -6.717  -3.550  1.00 0.28 ? 2  DG  A "C1'"  1 
ATOM   40  N N9     . DG  A 1 2  ? 12.331  -5.751  -4.457  1.00 0.24 ? 2  DG  A N9     1 
ATOM   41  C C8     . DG  A 1 2  ? 11.620  -6.077  -5.570  1.00 0.25 ? 2  DG  A C8     1 
ATOM   42  N N7     . DG  A 1 2  ? 11.156  -5.049  -6.228  1.00 0.24 ? 2  DG  A N7     1 
ATOM   43  C C5     . DG  A 1 2  ? 11.595  -3.959  -5.491  1.00 0.22 ? 2  DG  A C5     1 
ATOM   44  C C6     . DG  A 1 2  ? 11.389  -2.581  -5.732  1.00 0.20 ? 2  DG  A C6     1 
ATOM   45  O O6     . DG  A 1 2  ? 10.773  -2.067  -6.665  1.00 0.21 ? 2  DG  A O6     1 
ATOM   46  N N1     . DG  A 1 2  ? 11.989  -1.781  -4.762  1.00 0.18 ? 2  DG  A N1     1 
ATOM   47  C C2     . DG  A 1 2  ? 12.711  -2.259  -3.670  1.00 0.20 ? 2  DG  A C2     1 
ATOM   48  N N2     . DG  A 1 2  ? 13.232  -1.363  -2.812  1.00 0.20 ? 2  DG  A N2     1 
ATOM   49  N N3     . DG  A 1 2  ? 12.900  -3.575  -3.454  1.00 0.22 ? 2  DG  A N3     1 
ATOM   50  C C4     . DG  A 1 2  ? 12.318  -4.366  -4.397  1.00 0.22 ? 2  DG  A C4     1 
ATOM   51  H "H5'"  . DG  A 1 2  ? 14.759  -9.800  -5.356  1.00 0.47 ? 2  DG  A "H5'"  1 
ATOM   52  H "H5''" . DG  A 1 2  ? 14.250  -10.810 -3.987  1.00 0.50 ? 2  DG  A "H5''" 1 
ATOM   53  H "H4'"  . DG  A 1 2  ? 15.165  -8.712  -3.177  1.00 0.44 ? 2  DG  A "H4'"  1 
ATOM   54  H "H3'"  . DG  A 1 2  ? 12.697  -9.577  -2.302  1.00 0.40 ? 2  DG  A "H3'"  1 
ATOM   55  H "H2'"  . DG  A 1 2  ? 11.634  -8.368  -3.949  1.00 0.31 ? 2  DG  A "H2'"  1 
ATOM   56  H "H2''" . DG  A 1 2  ? 11.310  -7.488  -2.404  1.00 0.33 ? 2  DG  A "H2''" 1 
ATOM   57  H "H1'"  . DG  A 1 2  ? 13.402  -6.333  -2.634  1.00 0.30 ? 2  DG  A "H1'"  1 
ATOM   58  H H8     . DG  A 1 2  ? 11.499  -7.143  -5.809  1.00 0.27 ? 2  DG  A H8     1 
ATOM   59  H H1     . DG  A 1 2  ? 11.863  -0.777  -4.899  1.00 0.17 ? 2  DG  A H1     1 
ATOM   60  H H21    . DG  A 1 2  ? 13.119  -0.358  -2.946  1.00 0.20 ? 2  DG  A H21    1 
ATOM   61  H H22    . DG  A 1 2  ? 13.752  -1.677  -2.003  1.00 0.26 ? 2  DG  A H22    1 
ATOM   62  P P      . DA  A 1 3  ? 13.089  -8.465  0.120   1.00 0.36 ? 3  DA  A P      1 
ATOM   63  O OP1    . DA  A 1 3  ? 14.235  -8.631  1.043   1.00 0.43 ? 3  DA  A OP1    1 
ATOM   64  O OP2    . DA  A 1 3  ? 12.164  -9.597  -0.117  1.00 0.37 ? 3  DA  A OP2    1 
ATOM   65  O "O5'"  . DA  A 1 3  ? 12.238  -7.213  0.614   1.00 0.33 ? 3  DA  A "O5'"  1 
ATOM   66  C "C5'"  . DA  A 1 3  ? 12.984  -6.151  1.187   1.00 0.32 ? 3  DA  A "C5'"  1 
ATOM   67  C "C4'"  . DA  A 1 3  ? 12.141  -4.872  1.162   1.00 0.25 ? 3  DA  A "C4'"  1 
ATOM   68  O "O4'"  . DA  A 1 3  ? 11.838  -4.580  -0.198  1.00 0.23 ? 3  DA  A "O4'"  1 
ATOM   69  C "C3'"  . DA  A 1 3  ? 10.792  -4.958  1.857   1.00 0.27 ? 3  DA  A "C3'"  1 
ATOM   70  O "O3'"  . DA  A 1 3  ? 10.491  -3.891  2.761   1.00 0.27 ? 3  DA  A "O3'"  1 
ATOM   71  C "C2'"  . DA  A 1 3  ? 9.850   -4.843  0.701   1.00 0.25 ? 3  DA  A "C2'"  1 
ATOM   72  C "C1'"  . DA  A 1 3  ? 10.601  -3.881  -0.153  1.00 0.23 ? 3  DA  A "C1'"  1 
ATOM   73  N N9     . DA  A 1 3  ? 9.998   -3.801  -1.484  1.00 0.20 ? 3  DA  A N9     1 
ATOM   74  C C8     . DA  A 1 3  ? 9.680   -4.839  -2.306  1.00 0.21 ? 3  DA  A C8     1 
ATOM   75  N N7     . DA  A 1 3  ? 9.131   -4.470  -3.437  1.00 0.20 ? 3  DA  A N7     1 
ATOM   76  C C5     . DA  A 1 3  ? 9.091   -3.086  -3.339  1.00 0.18 ? 3  DA  A C5     1 
ATOM   77  C C6     . DA  A 1 3  ? 8.625   -2.101  -4.211  1.00 0.17 ? 3  DA  A C6     1 
ATOM   78  N N6     . DA  A 1 3  ? 8.091   -2.409  -5.405  1.00 0.19 ? 3  DA  A N6     1 
ATOM   79  N N1     . DA  A 1 3  ? 8.748   -0.845  -3.777  1.00 0.16 ? 3  DA  A N1     1 
ATOM   80  C C2     . DA  A 1 3  ? 9.276   -0.546  -2.596  1.00 0.17 ? 3  DA  A C2     1 
ATOM   81  N N3     . DA  A 1 3  ? 9.748   -1.394  -1.702  1.00 0.18 ? 3  DA  A N3     1 
ATOM   82  C C4     . DA  A 1 3  ? 9.620   -2.666  -2.146  1.00 0.18 ? 3  DA  A C4     1 
ATOM   83  H "H5'"  . DA  A 1 3  ? 13.901  -6.092  0.588   1.00 0.36 ? 3  DA  A "H5'"  1 
ATOM   84  H "H5''" . DA  A 1 3  ? 13.267  -6.498  2.187   1.00 0.37 ? 3  DA  A "H5''" 1 
ATOM   85  H "H4'"  . DA  A 1 3  ? 12.496  -3.914  1.559   1.00 0.27 ? 3  DA  A "H4'"  1 
ATOM   86  H "H3'"  . DA  A 1 3  ? 10.523  -5.985  2.070   1.00 0.29 ? 3  DA  A "H3'"  1 
ATOM   87  H "H2'"  . DA  A 1 3  ? 9.694   -5.781  0.201   1.00 0.30 ? 3  DA  A "H2'"  1 
ATOM   88  H "H2''" . DA  A 1 3  ? 8.944   -4.376  1.041   1.00 0.31 ? 3  DA  A "H2''" 1 
ATOM   89  H "H1'"  . DA  A 1 3  ? 10.651  -2.934  0.363   1.00 0.27 ? 3  DA  A "H1'"  1 
ATOM   90  H H8     . DA  A 1 3  ? 9.915   -5.845  -1.926  1.00 0.25 ? 3  DA  A H8     1 
ATOM   91  H H61    . DA  A 1 3  ? 7.706   -1.803  -6.123  1.00 0.20 ? 3  DA  A H61    1 
ATOM   92  H H62    . DA  A 1 3  ? 8.073   -3.374  -5.614  1.00 0.22 ? 3  DA  A H62    1 
ATOM   93  H H2     . DA  A 1 3  ? 9.282   0.530   -2.353  1.00 0.18 ? 3  DA  A H2     1 
ATOM   94  P P      . DA  A 1 4  ? 11.355  -3.682  4.102   1.00 0.30 ? 4  DA  A P      1 
ATOM   95  O OP1    . DA  A 1 4  ? 12.795  -3.758  3.771   1.00 0.33 ? 4  DA  A OP1    1 
ATOM   96  O OP2    . DA  A 1 4  ? 10.792  -4.566  5.147   1.00 0.39 ? 4  DA  A OP2    1 
ATOM   97  O "O5'"  . DA  A 1 4  ? 11.019  -2.179  4.502   1.00 0.33 ? 4  DA  A "O5'"  1 
ATOM   98  C "C5'"  . DA  A 1 4  ? 9.714   -1.925  4.987   1.00 0.31 ? 4  DA  A "C5'"  1 
ATOM   99  C "C4'"  . DA  A 1 4  ? 9.313   -0.490  4.646   1.00 0.28 ? 4  DA  A "C4'"  1 
ATOM   100 O "O4'"  . DA  A 1 4  ? 9.311   -0.378  3.214   1.00 0.26 ? 4  DA  A "O4'"  1 
ATOM   101 C "C3'"  . DA  A 1 4  ? 7.941   0.000   5.054   1.00 0.26 ? 4  DA  A "C3'"  1 
ATOM   102 O "O3'"  . DA  A 1 4  ? 7.743   1.408   4.964   1.00 0.28 ? 4  DA  A "O3'"  1 
ATOM   103 C "C2'"  . DA  A 1 4  ? 7.154   -0.620  3.943   1.00 0.24 ? 4  DA  A "C2'"  1 
ATOM   104 C "C1'"  . DA  A 1 4  ? 7.974   -0.069  2.799   1.00 0.23 ? 4  DA  A "C1'"  1 
ATOM   105 N N9     . DA  A 1 4  ? 7.575   -0.756  1.561   1.00 0.22 ? 4  DA  A N9     1 
ATOM   106 C C8     . DA  A 1 4  ? 7.630   -2.094  1.301   1.00 0.24 ? 4  DA  A C8     1 
ATOM   107 N N7     . DA  A 1 4  ? 7.165   -2.430  0.126   1.00 0.22 ? 4  DA  A N7     1 
ATOM   108 C C5     . DA  A 1 4  ? 6.777   -1.219  -0.426  1.00 0.18 ? 4  DA  A C5     1 
ATOM   109 C C6     . DA  A 1 4  ? 6.205   -0.899  -1.658  1.00 0.15 ? 4  DA  A C6     1 
ATOM   110 N N6     . DA  A 1 4  ? 5.936   -1.856  -2.541  1.00 0.16 ? 4  DA  A N6     1 
ATOM   111 N N1     . DA  A 1 4  ? 5.945   0.390   -1.898  1.00 0.14 ? 4  DA  A N1     1 
ATOM   112 C C2     . DA  A 1 4  ? 6.237   1.297   -0.974  1.00 0.15 ? 4  DA  A C2     1 
ATOM   113 N N3     . DA  A 1 4  ? 6.772   1.120   0.223   1.00 0.19 ? 4  DA  A N3     1 
ATOM   114 C C4     . DA  A 1 4  ? 7.023   -0.188  0.437   1.00 0.19 ? 4  DA  A C4     1 
ATOM   115 H "H5'"  . DA  A 1 4  ? 9.698   -2.233  6.043   1.00 0.37 ? 4  DA  A "H5'"  1 
ATOM   116 H "H5''" . DA  A 1 4  ? 9.060   -2.612  4.453   1.00 0.37 ? 4  DA  A "H5''" 1 
ATOM   117 H "H4'"  . DA  A 1 4  ? 9.995   0.295   4.972   1.00 0.32 ? 4  DA  A "H4'"  1 
ATOM   118 H "H3'"  . DA  A 1 4  ? 7.602   -0.400  5.998   1.00 0.30 ? 4  DA  A "H3'"  1 
ATOM   119 H "H2'"  . DA  A 1 4  ? 7.205   -1.702  3.971   1.00 0.28 ? 4  DA  A "H2'"  1 
ATOM   120 H "H2''" . DA  A 1 4  ? 6.139   -0.252  3.920   1.00 0.28 ? 4  DA  A "H2''" 1 
ATOM   121 H "H1'"  . DA  A 1 4  ? 7.797   1.000   2.756   1.00 0.26 ? 4  DA  A "H1'"  1 
ATOM   122 H H8     . DA  A 1 4  ? 8.042   -2.762  2.065   1.00 0.26 ? 4  DA  A H8     1 
ATOM   123 H H61    . DA  A 1 4  ? 5.527   -1.786  -3.464  1.00 0.17 ? 4  DA  A H61    1 
ATOM   124 H H62    . DA  A 1 4  ? 6.167   -2.764  -2.256  1.00 0.23 ? 4  DA  A H62    1 
ATOM   125 H H2     . DA  A 1 4  ? 6.027   2.315   -1.258  1.00 0.16 ? 4  DA  A H2     1 
ATOM   126 P P      . DA  A 1 5  ? 6.719   2.106   5.978   1.00 0.28 ? 5  DA  A P      1 
ATOM   127 O OP1    . DA  A 1 5  ? 7.491   2.728   7.077   1.00 0.39 ? 5  DA  A OP1    1 
ATOM   128 O OP2    . DA  A 1 5  ? 5.639   1.141   6.285   1.00 0.34 ? 5  DA  A OP2    1 
ATOM   129 O "O5'"  . DA  A 1 5  ? 6.104   3.267   5.075   1.00 0.28 ? 5  DA  A "O5'"  1 
ATOM   130 C "C5'"  . DA  A 1 5  ? 7.008   4.305   4.727   1.00 0.26 ? 5  DA  A "C5'"  1 
ATOM   131 C "C4'"  . DA  A 1 5  ? 6.469   5.186   3.617   1.00 0.22 ? 5  DA  A "C4'"  1 
ATOM   132 O "O4'"  . DA  A 1 5  ? 6.210   4.420   2.449   1.00 0.21 ? 5  DA  A "O4'"  1 
ATOM   133 C "C3'"  . DA  A 1 5  ? 5.239   6.016   3.798   1.00 0.22 ? 5  DA  A "C3'"  1 
ATOM   134 O "O3'"  . DA  A 1 5  ? 5.080   6.997   2.777   1.00 0.22 ? 5  DA  A "O3'"  1 
ATOM   135 C "C2'"  . DA  A 1 5  ? 4.251   4.896   3.560   1.00 0.21 ? 5  DA  A "C2'"  1 
ATOM   136 C "C1'"  . DA  A 1 5  ? 4.800   4.410   2.215   1.00 0.19 ? 5  DA  A "C1'"  1 
ATOM   137 N N9     . DA  A 1 5  ? 4.494   3.005   1.897   1.00 0.18 ? 5  DA  A N9     1 
ATOM   138 C C8     . DA  A 1 5  ? 4.716   1.936   2.694   1.00 0.19 ? 5  DA  A C8     1 
ATOM   139 N N7     . DA  A 1 5  ? 4.375   0.782   2.190   1.00 0.18 ? 5  DA  A N7     1 
ATOM   140 C C5     . DA  A 1 5  ? 3.878   1.133   0.947   1.00 0.16 ? 5  DA  A C5     1 
ATOM   141 C C6     . DA  A 1 5  ? 3.347   0.366   -0.085  1.00 0.15 ? 5  DA  A C6     1 
ATOM   142 N N6     . DA  A 1 5  ? 3.247   -0.966  0.017   1.00 0.16 ? 5  DA  A N6     1 
ATOM   143 N N1     . DA  A 1 5  ? 2.950   1.035   -1.178  1.00 0.14 ? 5  DA  A N1     1 
ATOM   144 C C2     . DA  A 1 5  ? 3.066   2.362   -1.248  1.00 0.14 ? 5  DA  A C2     1 
ATOM   145 N N3     . DA  A 1 5  ? 3.551   3.180   -0.333  1.00 0.14 ? 5  DA  A N3     1 
ATOM   146 C C4     . DA  A 1 5  ? 3.945   2.489   0.756   1.00 0.16 ? 5  DA  A C4     1 
ATOM   147 H "H5'"  . DA  A 1 5  ? 7.930   3.827   4.392   1.00 0.29 ? 5  DA  A "H5'"  1 
ATOM   148 H "H5''" . DA  A 1 5  ? 7.223   4.899   5.613   1.00 0.35 ? 5  DA  A "H5''" 1 
ATOM   149 H "H4'"  . DA  A 1 5  ? 7.141   5.915   3.293   1.00 0.29 ? 5  DA  A "H4'"  1 
ATOM   150 H "H3'"  . DA  A 1 5  ? 5.243   6.481   4.790   1.00 0.25 ? 5  DA  A "H3'"  1 
ATOM   151 H "H2'"  . DA  A 1 5  ? 4.397   4.152   4.343   1.00 0.26 ? 5  DA  A "H2'"  1 
ATOM   152 H "H2''" . DA  A 1 5  ? 3.197   5.175   3.478   1.00 0.24 ? 5  DA  A "H2''" 1 
ATOM   153 H "H1'"  . DA  A 1 5  ? 4.524   5.091   1.410   1.00 0.22 ? 5  DA  A "H1'"  1 
ATOM   154 H H8     . DA  A 1 5  ? 5.115   2.205   3.653   1.00 0.20 ? 5  DA  A H8     1 
ATOM   155 H H61    . DA  A 1 5  ? 2.863   -1.587  -0.684  1.00 0.19 ? 5  DA  A H61    1 
ATOM   156 H H62    . DA  A 1 5  ? 3.582   -1.382  0.866   1.00 0.18 ? 5  DA  A H62    1 
ATOM   157 H H2     . DA  A 1 5  ? 2.722   2.857   -2.160  1.00 0.15 ? 5  DA  A H2     1 
HETATM 158 P P      . TTM A 1 6  ? 4.089   8.208   3.075   1.00 0.21 ? 6  TTM A P      1 
HETATM 159 O OP1    . TTM A 1 6  ? 4.045   9.112   1.905   1.00 0.23 ? 6  TTM A OP1    1 
HETATM 160 O OP2    . TTM A 1 6  ? 4.407   8.749   4.417   1.00 0.27 ? 6  TTM A OP2    1 
HETATM 161 O "O5'"  . TTM A 1 6  ? 2.717   7.389   3.184   1.00 0.26 ? 6  TTM A "O5'"  1 
HETATM 162 C "C5'"  . TTM A 1 6  ? 1.553   7.796   2.492   1.00 0.23 ? 6  TTM A "C5'"  1 
HETATM 163 C "C4'"  . TTM A 1 6  ? 1.724   7.784   0.985   1.00 0.21 ? 6  TTM A "C4'"  1 
HETATM 164 O "O4'"  . TTM A 1 6  ? 2.110   6.524   0.486   1.00 0.22 ? 6  TTM A "O4'"  1 
HETATM 165 C "C1'"  . TTM A 1 6  ? 0.997   5.997   -0.233  1.00 0.19 ? 6  TTM A "C1'"  1 
HETATM 166 N N1     . TTM A 1 6  ? 0.902   4.597   0.200   1.00 0.17 ? 6  TTM A N1     1 
HETATM 167 C C6     . TTM A 1 6  ? 1.255   4.339   1.486   1.00 0.18 ? 6  TTM A C6     1 
HETATM 168 C C2     . TTM A 1 6  ? 0.473   3.592   -0.653  1.00 0.18 ? 6  TTM A C2     1 
HETATM 169 O O2     . TTM A 1 6  ? 0.142   3.783   -1.818  1.00 0.20 ? 6  TTM A O2     1 
HETATM 170 N N3     . TTM A 1 6  ? 0.435   2.319   -0.096  1.00 0.19 ? 6  TTM A N3     1 
HETATM 171 C C1Q    . TTM A 1 6  ? 0.026   1.211   -0.986  1.00 0.21 ? 6  TTM A C1Q    1 
HETATM 172 C C2Q    . TTM A 1 6  ? -0.946  0.349   -1.195  1.00 0.21 ? 6  TTM A C2Q    1 
HETATM 173 C C4     . TTM A 1 6  ? 0.775   1.985   1.209   1.00 0.19 ? 6  TTM A C4     1 
HETATM 174 O O4     . TTM A 1 6  ? 0.694   0.823   1.601   1.00 0.21 ? 6  TTM A O4     1 
HETATM 175 C C5     . TTM A 1 6  ? 1.207   3.113   2.002   1.00 0.19 ? 6  TTM A C5     1 
HETATM 176 C C5M    . TTM A 1 6  ? 1.640   2.989   3.439   1.00 0.21 ? 6  TTM A C5M    1 
HETATM 177 C "C2'"  . TTM A 1 6  ? -0.171  6.772   0.262   1.00 0.19 ? 6  TTM A "C2'"  1 
HETATM 178 C "C3'"  . TTM A 1 6  ? 0.461   8.121   0.302   1.00 0.20 ? 6  TTM A "C3'"  1 
HETATM 179 O "O3'"  . TTM A 1 6  ? 0.564   8.659   -1.014  1.00 0.21 ? 6  TTM A "O3'"  1 
HETATM 180 H "H5'"  . TTM A 1 6  ? 1.227   8.798   2.746   1.00 0.28 ? 6  TTM A "H5'"  1 
HETATM 181 H "H5''" . TTM A 1 6  ? 0.764   7.108   2.785   1.00 0.27 ? 6  TTM A "H5''" 1 
HETATM 182 H "H4'"  . TTM A 1 6  ? 2.444   8.409   0.485   1.00 0.26 ? 6  TTM A "H4'"  1 
HETATM 183 H "H1'"  . TTM A 1 6  ? 0.992   6.365   -1.228  1.00 0.18 ? 6  TTM A "H1'"  1 
HETATM 184 H H6     . TTM A 1 6  ? 1.595   5.170   2.116   1.00 0.19 ? 6  TTM A H6     1 
HETATM 185 H H1Q    . TTM A 1 6  ? 0.123   1.530   -2.025  1.00 0.27 ? 6  TTM A H1Q    1 
HETATM 186 H H2Q    . TTM A 1 6  ? 0.678   0.354   -0.814  1.00 0.27 ? 6  TTM A H2Q    1 
HETATM 187 H H2     . TTM A 1 6  ? -1.655  1.067   -1.607  1.00 0.27 ? 6  TTM A H2     1 
HETATM 188 H H4Q    . TTM A 1 6  ? -1.068  0.308   -0.112  1.00 0.26 ? 6  TTM A H4Q    1 
HETATM 189 H H71    . TTM A 1 6  ? 2.710   3.175   3.399   1.00 0.30 ? 6  TTM A H71    1 
HETATM 190 H H72    . TTM A 1 6  ? 1.473   2.030   3.892   1.00 0.32 ? 6  TTM A H72    1 
HETATM 191 H H73    . TTM A 1 6  ? 1.259   3.857   3.985   1.00 0.27 ? 6  TTM A H73    1 
HETATM 192 H "H2'"  . TTM A 1 6  ? -0.445  6.439   1.244   1.00 0.24 ? 6  TTM A "H2'"  1 
HETATM 193 H "H2''" . TTM A 1 6  ? -1.007  6.696   -0.422  1.00 0.22 ? 6  TTM A "H2''" 1 
HETATM 194 H "H3'"  . TTM A 1 6  ? -0.033  8.596   1.130   1.00 0.23 ? 6  TTM A "H3'"  1 
ATOM   195 P P      . DT  A 1 7  ? -0.663  9.557   -1.492  1.00 0.23 ? 7  DT  A P      1 
ATOM   196 O OP1    . DT  A 1 7  ? -0.378  10.095  -2.842  1.00 0.25 ? 7  DT  A OP1    1 
ATOM   197 O OP2    . DT  A 1 7  ? -1.028  10.470  -0.385  1.00 0.31 ? 7  DT  A OP2    1 
ATOM   198 O "O5'"  . DT  A 1 7  ? -1.796  8.443   -1.623  1.00 0.22 ? 7  DT  A "O5'"  1 
ATOM   199 C "C5'"  . DT  A 1 7  ? -1.788  7.771   -2.869  1.00 0.22 ? 7  DT  A "C5'"  1 
ATOM   200 C "C4'"  . DT  A 1 7  ? -2.848  6.700   -2.944  1.00 0.22 ? 7  DT  A "C4'"  1 
ATOM   201 O "O4'"  . DT  A 1 7  ? -2.460  5.626   -2.097  1.00 0.22 ? 7  DT  A "O4'"  1 
ATOM   202 C "C3'"  . DT  A 1 7  ? -4.283  7.036   -2.522  1.00 0.19 ? 7  DT  A "C3'"  1 
ATOM   203 O "O3'"  . DT  A 1 7  ? -5.322  6.325   -3.188  1.00 0.19 ? 7  DT  A "O3'"  1 
ATOM   204 C "C2'"  . DT  A 1 7  ? -4.283  6.446   -1.115  1.00 0.17 ? 7  DT  A "C2'"  1 
ATOM   205 C "C1'"  . DT  A 1 7  ? -3.630  5.137   -1.464  1.00 0.18 ? 7  DT  A "C1'"  1 
ATOM   206 N N1     . DT  A 1 7  ? -3.182  4.310   -0.332  1.00 0.16 ? 7  DT  A N1     1 
ATOM   207 C C2     . DT  A 1 7  ? -3.345  2.943   -0.400  1.00 0.15 ? 7  DT  A C2     1 
ATOM   208 O O2     . DT  A 1 7  ? -3.867  2.373   -1.353  1.00 0.17 ? 7  DT  A O2     1 
ATOM   209 N N3     . DT  A 1 7  ? -2.884  2.230   0.694   1.00 0.14 ? 7  DT  A N3     1 
ATOM   210 C C4     . DT  A 1 7  ? -2.290  2.756   1.828   1.00 0.15 ? 7  DT  A C4     1 
ATOM   211 O O4     . DT  A 1 7  ? -1.910  2.019   2.737   1.00 0.17 ? 7  DT  A O4     1 
ATOM   212 C C5     . DT  A 1 7  ? -2.179  4.188   1.788   1.00 0.16 ? 7  DT  A C5     1 
ATOM   213 C C7     . DT  A 1 7  ? -1.587  4.986   2.914   1.00 0.18 ? 7  DT  A C7     1 
ATOM   214 C C6     . DT  A 1 7  ? -2.605  4.893   0.751   1.00 0.16 ? 7  DT  A C6     1 
ATOM   215 H "H5'"  . DT  A 1 7  ? -0.815  7.296   -2.997  1.00 0.26 ? 7  DT  A "H5'"  1 
ATOM   216 H "H5''" . DT  A 1 7  ? -1.850  8.518   -3.635  1.00 0.25 ? 7  DT  A "H5''" 1 
ATOM   217 H "H4'"  . DT  A 1 7  ? -2.889  6.313   -3.962  1.00 0.26 ? 7  DT  A "H4'"  1 
ATOM   218 H "H3'"  . DT  A 1 7  ? -4.542  8.091   -2.550  1.00 0.25 ? 7  DT  A "H3'"  1 
ATOM   219 H "H2'"  . DT  A 1 7  ? -3.936  6.930   -0.211  1.00 0.18 ? 7  DT  A "H2'"  1 
ATOM   220 H "H2''" . DT  A 1 7  ? -5.257  6.142   -0.823  1.00 0.24 ? 7  DT  A "H2''" 1 
ATOM   221 H "H1'"  . DT  A 1 7  ? -4.260  4.611   -2.168  1.00 0.20 ? 7  DT  A "H1'"  1 
ATOM   222 H H3     . DT  A 1 7  ? -3.007  1.228   0.635   1.00 0.14 ? 7  DT  A H3     1 
ATOM   223 H H71    . DT  A 1 7  ? -2.057  5.965   2.874   1.00 0.23 ? 7  DT  A H71    1 
ATOM   224 H H72    . DT  A 1 7  ? -0.667  5.402   2.664   1.00 0.24 ? 7  DT  A H72    1 
ATOM   225 H H73    . DT  A 1 7  ? -1.417  4.463   3.826   1.00 0.26 ? 7  DT  A H73    1 
ATOM   226 H H6     . DT  A 1 7  ? -2.410  5.949   0.869   1.00 0.19 ? 7  DT  A H6     1 
ATOM   227 P P      . DT  A 1 8  ? -6.807  6.936   -3.163  1.00 0.20 ? 8  DT  A P      1 
ATOM   228 O OP1    . DT  A 1 8  ? -6.863  8.077   -4.103  1.00 0.25 ? 8  DT  A OP1    1 
ATOM   229 O OP2    . DT  A 1 8  ? -7.203  7.119   -1.747  1.00 0.20 ? 8  DT  A OP2    1 
ATOM   230 O "O5'"  . DT  A 1 8  ? -7.680  5.746   -3.756  1.00 0.26 ? 8  DT  A "O5'"  1 
ATOM   231 C "C5'"  . DT  A 1 8  ? -7.154  5.194   -4.947  1.00 0.23 ? 8  DT  A "C5'"  1 
ATOM   232 C "C4'"  . DT  A 1 8  ? -7.076  3.692   -4.847  1.00 0.20 ? 8  DT  A "C4'"  1 
ATOM   233 O "O4'"  . DT  A 1 8  ? -6.393  3.356   -3.630  1.00 0.19 ? 8  DT  A "O4'"  1 
ATOM   234 C "C3'"  . DT  A 1 8  ? -8.372  2.909   -4.760  1.00 0.18 ? 8  DT  A "C3'"  1 
ATOM   235 O "O3'"  . DT  A 1 8  ? -8.255  1.556   -5.178  1.00 0.22 ? 8  DT  A "O3'"  1 
ATOM   236 C "C2'"  . DT  A 1 8  ? -8.599  2.914   -3.256  1.00 0.18 ? 8  DT  A "C2'"  1 
ATOM   237 C "C1'"  . DT  A 1 8  ? -7.208  2.474   -2.839  1.00 0.17 ? 8  DT  A "C1'"  1 
ATOM   238 N N1     . DT  A 1 8  ? -6.834  2.591   -1.409  1.00 0.15 ? 8  DT  A N1     1 
ATOM   239 C C2     . DT  A 1 8  ? -6.533  1.436   -0.679  1.00 0.14 ? 8  DT  A C2     1 
ATOM   240 O O2     . DT  A 1 8  ? -6.603  0.303   -1.151  1.00 0.16 ? 8  DT  A O2     1 
ATOM   241 N N3     . DT  A 1 8  ? -6.160  1.636   0.654   1.00 0.14 ? 8  DT  A N3     1 
ATOM   242 C C4     . DT  A 1 8  ? -6.085  2.871   1.288   1.00 0.14 ? 8  DT  A C4     1 
ATOM   243 O O4     . DT  A 1 8  ? -5.760  2.979   2.468   1.00 0.17 ? 8  DT  A O4     1 
ATOM   244 C C5     . DT  A 1 8  ? -6.419  3.982   0.447   1.00 0.15 ? 8  DT  A C5     1 
ATOM   245 C C7     . DT  A 1 8  ? -6.375  5.376   1.023   1.00 0.17 ? 8  DT  A C7     1 
ATOM   246 C C6     . DT  A 1 8  ? -6.767  3.822   -0.833  1.00 0.15 ? 8  DT  A C6     1 
ATOM   247 H "H5'"  . DT  A 1 8  ? -6.146  5.597   -5.058  1.00 0.30 ? 8  DT  A "H5'"  1 
ATOM   248 H "H5''" . DT  A 1 8  ? -7.758  5.494   -5.802  1.00 0.29 ? 8  DT  A "H5''" 1 
ATOM   249 H "H4'"  . DT  A 1 8  ? -6.492  3.313   -5.687  1.00 0.27 ? 8  DT  A "H4'"  1 
ATOM   250 H "H3'"  . DT  A 1 8  ? -9.166  3.380   -5.349  1.00 0.25 ? 8  DT  A "H3'"  1 
ATOM   251 H "H2'"  . DT  A 1 8  ? -8.862  3.887   -2.858  1.00 0.19 ? 8  DT  A "H2'"  1 
ATOM   252 H "H2''" . DT  A 1 8  ? -9.331  2.161   -2.984  1.00 0.24 ? 8  DT  A "H2''" 1 
ATOM   253 H "H1'"  . DT  A 1 8  ? -7.097  1.447   -3.101  1.00 0.20 ? 8  DT  A "H1'"  1 
ATOM   254 H H3     . DT  A 1 8  ? -5.871  0.805   1.180   1.00 0.14 ? 8  DT  A H3     1 
ATOM   255 H H71    . DT  A 1 8  ? -6.468  5.456   2.084   1.00 0.24 ? 8  DT  A H71    1 
ATOM   256 H H72    . DT  A 1 8  ? -5.401  5.742   0.972   1.00 0.25 ? 8  DT  A H72    1 
ATOM   257 H H73    . DT  A 1 8  ? -6.859  6.091   0.353   1.00 0.20 ? 8  DT  A H73    1 
ATOM   258 H H6     . DT  A 1 8  ? -6.985  4.720   -1.390  1.00 0.17 ? 8  DT  A H6     1 
ATOM   259 P P      . DT  A 1 9  ? -9.444  1.012   -6.098  1.00 0.18 ? 9  DT  A P      1 
ATOM   260 O OP1    . DT  A 1 9  ? -8.933  -0.103  -6.928  1.00 0.23 ? 9  DT  A OP1    1 
ATOM   261 O OP2    . DT  A 1 9  ? -10.091 2.177   -6.743  1.00 0.22 ? 9  DT  A OP2    1 
ATOM   262 O "O5'"  . DT  A 1 9  ? -10.461 0.409   -5.024  1.00 0.22 ? 9  DT  A "O5'"  1 
ATOM   263 C "C5'"  . DT  A 1 9  ? -10.183 -0.930  -4.651  1.00 0.23 ? 9  DT  A "C5'"  1 
ATOM   264 C "C4'"  . DT  A 1 9  ? -10.571 -1.215  -3.221  1.00 0.19 ? 9  DT  A "C4'"  1 
ATOM   265 O "O4'"  . DT  A 1 9  ? -9.848  -0.364  -2.331  1.00 0.19 ? 9  DT  A "O4'"  1 
ATOM   266 C "C3'"  . DT  A 1 9  ? -12.029 -1.086  -2.797  1.00 0.20 ? 9  DT  A "C3'"  1 
ATOM   267 O "O3'"  . DT  A 1 9  ? -12.592 -2.292  -2.282  1.00 0.21 ? 9  DT  A "O3'"  1 
ATOM   268 C "C2'"  . DT  A 1 9  ? -11.895 -0.106  -1.659  1.00 0.18 ? 9  DT  A "C2'"  1 
ATOM   269 C "C1'"  . DT  A 1 9  ? -10.556 -0.475  -1.095  1.00 0.16 ? 9  DT  A "C1'"  1 
ATOM   270 N N1     . DT  A 1 9  ? -10.160 0.569   -0.147  1.00 0.16 ? 9  DT  A N1     1 
ATOM   271 C C2     . DT  A 1 9  ? -9.741  0.215   1.115   1.00 0.15 ? 9  DT  A C2     1 
ATOM   272 O O2     . DT  A 1 9  ? -9.639  -0.950  1.495   1.00 0.17 ? 9  DT  A O2     1 
ATOM   273 N N3     . DT  A 1 9  ? -9.431  1.273   1.948   1.00 0.16 ? 9  DT  A N3     1 
ATOM   274 C C4     . DT  A 1 9  ? -9.487  2.619   1.647   1.00 0.17 ? 9  DT  A C4     1 
ATOM   275 O O4     . DT  A 1 9  ? -9.164  3.456   2.492   1.00 0.19 ? 9  DT  A O4     1 
ATOM   276 C C5     . DT  A 1 9  ? -9.937  2.863   0.300   1.00 0.18 ? 9  DT  A C5     1 
ATOM   277 C C7     . DT  A 1 9  ? -10.096 4.241   -0.250  1.00 0.23 ? 9  DT  A C7     1 
ATOM   278 C C6     . DT  A 1 9  ? -10.247 1.866   -0.524  1.00 0.17 ? 9  DT  A C6     1 
ATOM   279 H "H5'"  . DT  A 1 9  ? -9.111  -1.085  -4.775  1.00 0.30 ? 9  DT  A "H5'"  1 
ATOM   280 H "H5''" . DT  A 1 9  ? -10.716 -1.600  -5.323  1.00 0.30 ? 9  DT  A "H5''" 1 
ATOM   281 H "H4'"  . DT  A 1 9  ? -10.319 -2.234  -2.944  1.00 0.24 ? 9  DT  A "H4'"  1 
ATOM   282 H "H3'"  . DT  A 1 9  ? -12.667 -0.458  -3.419  1.00 0.22 ? 9  DT  A "H3'"  1 
ATOM   283 H "H2'"  . DT  A 1 9  ? -11.968 0.956   -1.787  1.00 0.21 ? 9  DT  A "H2'"  1 
ATOM   284 H "H2''" . DT  A 1 9  ? -12.678 -0.312  -0.983  1.00 0.21 ? 9  DT  A "H2''" 1 
ATOM   285 H "H1'"  . DT  A 1 9  ? -10.552 -1.444  -0.609  1.00 0.20 ? 9  DT  A "H1'"  1 
ATOM   286 H H3     . DT  A 1 9  ? -9.181  1.018   2.890   1.00 0.17 ? 9  DT  A H3     1 
ATOM   287 H H71    . DT  A 1 9  ? -9.530  4.264   -1.135  1.00 0.25 ? 9  DT  A H71    1 
ATOM   288 H H72    . DT  A 1 9  ? -10.991 4.289   -0.833  1.00 0.31 ? 9  DT  A H72    1 
ATOM   289 H H73    . DT  A 1 9  ? -9.862  5.044   0.428   1.00 0.28 ? 9  DT  A H73    1 
ATOM   290 H H6     . DT  A 1 9  ? -10.586 2.089   -1.540  1.00 0.19 ? 9  DT  A H6     1 
ATOM   291 P P      . DC  A 1 10 ? -14.176 -2.534  -2.284  1.00 0.19 ? 10 DC  A P      1 
ATOM   292 O OP1    . DC  A 1 10 ? -14.529 -3.370  -3.453  1.00 0.29 ? 10 DC  A OP1    1 
ATOM   293 O OP2    . DC  A 1 10 ? -14.843 -1.231  -2.063  1.00 0.23 ? 10 DC  A OP2    1 
ATOM   294 O "O5'"  . DC  A 1 10 ? -14.335 -3.410  -0.965  1.00 0.21 ? 10 DC  A "O5'"  1 
ATOM   295 C "C5'"  . DC  A 1 10 ? -13.597 -4.624  -0.930  1.00 0.22 ? 10 DC  A "C5'"  1 
ATOM   296 C "C4'"  . DC  A 1 10 ? -13.191 -4.991  0.484   1.00 0.19 ? 10 DC  A "C4'"  1 
ATOM   297 O "O4'"  . DC  A 1 10 ? -12.465 -3.888  1.049   1.00 0.17 ? 10 DC  A "O4'"  1 
ATOM   298 C "C3'"  . DC  A 1 10 ? -14.308 -5.219  1.494   1.00 0.19 ? 10 DC  A "C3'"  1 
ATOM   299 O "O3'"  . DC  A 1 10 ? -13.893 -5.798  2.727   1.00 0.22 ? 10 DC  A "O3'"  1 
ATOM   300 C "C2'"  . DC  A 1 10 ? -14.608 -3.742  1.823   1.00 0.17 ? 10 DC  A "C2'"  1 
ATOM   301 C "C1'"  . DC  A 1 10 ? -13.169 -3.415  2.210   1.00 0.16 ? 10 DC  A "C1'"  1 
ATOM   302 N N1     . DC  A 1 10 ? -12.862 -1.988  2.486   1.00 0.15 ? 10 DC  A N1     1 
ATOM   303 C C2     . DC  A 1 10 ? -12.412 -1.644  3.761   1.00 0.15 ? 10 DC  A C2     1 
ATOM   304 O O2     . DC  A 1 10 ? -12.254 -2.468  4.660   1.00 0.17 ? 10 DC  A O2     1 
ATOM   305 N N3     . DC  A 1 10 ? -12.135 -0.337  4.022   1.00 0.15 ? 10 DC  A N3     1 
ATOM   306 C C4     . DC  A 1 10 ? -12.287 0.606   3.087   1.00 0.15 ? 10 DC  A C4     1 
ATOM   307 N N4     . DC  A 1 10 ? -12.002 1.881   3.382   1.00 0.18 ? 10 DC  A N4     1 
ATOM   308 C C5     . DC  A 1 10 ? -12.750 0.267   1.772   1.00 0.17 ? 10 DC  A C5     1 
ATOM   309 C C6     . DC  A 1 10 ? -13.022 -1.031  1.514   1.00 0.16 ? 10 DC  A C6     1 
ATOM   310 H "H5'"  . DC  A 1 10 ? -12.706 -4.488  -1.543  1.00 0.24 ? 10 DC  A "H5'"  1 
ATOM   311 H "H5''" . DC  A 1 10 ? -14.207 -5.417  -1.360  1.00 0.33 ? 10 DC  A "H5''" 1 
ATOM   312 H "H4'"  . DC  A 1 10 ? -12.532 -5.857  0.435   1.00 0.24 ? 10 DC  A "H4'"  1 
ATOM   313 H "H3'"  . DC  A 1 10 ? -15.075 -5.911  1.107   1.00 0.27 ? 10 DC  A "H3'"  1 
ATOM   314 H "H2'"  . DC  A 1 10 ? -14.937 -3.046  1.055   1.00 0.24 ? 10 DC  A "H2'"  1 
ATOM   315 H "H2''" . DC  A 1 10 ? -15.293 -3.629  2.649   1.00 0.22 ? 10 DC  A "H2''" 1 
ATOM   316 H "H1'"  . DC  A 1 10 ? -12.897 -4.022  3.074   1.00 0.22 ? 10 DC  A "H1'"  1 
ATOM   317 H H41    . DC  A 1 10 ? -11.670 2.211   4.282   1.00 0.21 ? 10 DC  A H41    1 
ATOM   318 H H42    . DC  A 1 10 ? -12.117 2.570   2.681   1.00 0.22 ? 10 DC  A H42    1 
ATOM   319 H H5     . DC  A 1 10 ? -12.880 1.026   1.000   1.00 0.22 ? 10 DC  A H5     1 
ATOM   320 H H6     . DC  A 1 10 ? -13.353 -1.234  0.487   1.00 0.18 ? 10 DC  A H6     1 
ATOM   321 P P      . DG  A 1 11 ? -13.215 -7.254  2.750   1.00 0.24 ? 11 DG  A P      1 
ATOM   322 O OP1    . DG  A 1 11 ? -11.780 -7.141  2.413   1.00 0.29 ? 11 DG  A OP1    1 
ATOM   323 O OP2    . DG  A 1 11 ? -14.088 -8.194  2.013   1.00 0.28 ? 11 DG  A OP2    1 
ATOM   324 O "O5'"  . DG  A 1 11 ? -13.348 -7.560  4.310   1.00 0.26 ? 11 DG  A "O5'"  1 
ATOM   325 C "C5'"  . DG  A 1 11 ? -13.229 -6.409  5.133   1.00 0.25 ? 11 DG  A "C5'"  1 
ATOM   326 C "C4'"  . DG  A 1 11 ? -13.720 -6.659  6.550   1.00 0.29 ? 11 DG  A "C4'"  1 
ATOM   327 O "O4'"  . DG  A 1 11 ? -13.794 -5.392  7.206   1.00 0.32 ? 11 DG  A "O4'"  1 
ATOM   328 C "C3'"  . DG  A 1 11 ? -15.138 -7.149  6.803   1.00 0.33 ? 11 DG  A "C3'"  1 
ATOM   329 O "O3'"  . DG  A 1 11 ? -15.304 -7.334  8.209   1.00 0.45 ? 11 DG  A "O3'"  1 
ATOM   330 C "C2'"  . DG  A 1 11 ? -15.893 -5.958  6.302   1.00 0.35 ? 11 DG  A "C2'"  1 
ATOM   331 C "C1'"  . DG  A 1 11 ? -15.134 -4.872  7.062   1.00 0.34 ? 11 DG  A "C1'"  1 
ATOM   332 N N9     . DG  A 1 11 ? -15.147 -3.598  6.314   1.00 0.29 ? 11 DG  A N9     1 
ATOM   333 C C8     . DG  A 1 11 ? -15.514 -3.412  5.009   1.00 0.28 ? 11 DG  A C8     1 
ATOM   334 N N7     . DG  A 1 11 ? -15.437 -2.176  4.604   1.00 0.27 ? 11 DG  A N7     1 
ATOM   335 C C5     . DG  A 1 11 ? -14.984 -1.490  5.716   1.00 0.25 ? 11 DG  A C5     1 
ATOM   336 C C6     . DG  A 1 11 ? -14.714 -0.110  5.859   1.00 0.23 ? 11 DG  A C6     1 
ATOM   337 O O6     . DG  A 1 11 ? -14.824 0.776   5.012   1.00 0.24 ? 11 DG  A O6     1 
ATOM   338 N N1     . DG  A 1 11 ? -14.271 0.201   7.138   1.00 0.24 ? 11 DG  A N1     1 
ATOM   339 C C2     . DG  A 1 11 ? -14.103 -0.722  8.175   1.00 0.26 ? 11 DG  A C2     1 
ATOM   340 N N2     . DG  A 1 11 ? -13.656 -0.300  9.368   1.00 0.29 ? 11 DG  A N2     1 
ATOM   341 N N3     . DG  A 1 11 ? -14.366 -2.032  8.023   1.00 0.27 ? 11 DG  A N3     1 
ATOM   342 C C4     . DG  A 1 11 ? -14.800 -2.344  6.775   1.00 0.26 ? 11 DG  A C4     1 
ATOM   343 H "H5'"  . DG  A 1 11 ? -13.783 -5.609  4.645   1.00 0.27 ? 11 DG  A "H5'"  1 
ATOM   344 H "H5''" . DG  A 1 11 ? -12.180 -6.116  5.161   1.00 0.31 ? 11 DG  A "H5''" 1 
ATOM   345 H "H4'"  . DG  A 1 11 ? -12.997 -7.292  7.065   1.00 0.37 ? 11 DG  A "H4'"  1 
ATOM   346 H "H3'"  . DG  A 1 11 ? -15.408 -7.942  6.122   1.00 0.35 ? 11 DG  A "H3'"  1 
ATOM   347 H "HO3'" . DG  A 1 11 ? -14.814 -6.607  8.603   1.00 1.04 ? 11 DG  A "HO3'" 1 
ATOM   348 H "H2'"  . DG  A 1 11 ? -15.715 -5.966  5.230   1.00 0.37 ? 11 DG  A "H2'"  1 
ATOM   349 H "H2''" . DG  A 1 11 ? -16.964 -5.938  6.498   1.00 0.42 ? 11 DG  A "H2''" 1 
ATOM   350 H "H1'"  . DG  A 1 11 ? -15.583 -4.722  8.044   1.00 0.45 ? 11 DG  A "H1'"  1 
ATOM   351 H H8     . DG  A 1 11 ? -15.829 -4.258  4.377   1.00 0.29 ? 11 DG  A H8     1 
ATOM   352 H H1     . DG  A 1 11 ? -14.071 1.194   7.264   1.00 0.26 ? 11 DG  A H1     1 
ATOM   353 H H21    . DG  A 1 11 ? -13.431 0.677   9.540   1.00 0.31 ? 11 DG  A H21    1 
ATOM   354 H H22    . DG  A 1 11 ? -13.526 -0.953  10.130  1.00 0.33 ? 11 DG  A H22    1 
ATOM   355 O "O5'"  . DC  B 2 1  ? -14.471 7.311   12.969  1.00 0.54 ? 1  DC  B "O5'"  1 
ATOM   356 C "C5'"  . DC  B 2 1  ? -13.095 7.500   12.669  1.00 0.47 ? 1  DC  B "C5'"  1 
ATOM   357 C "C4'"  . DC  B 2 1  ? -12.513 6.166   12.268  1.00 0.39 ? 1  DC  B "C4'"  1 
ATOM   358 O "O4'"  . DC  B 2 1  ? -13.322 5.644   11.208  1.00 0.36 ? 1  DC  B "O4'"  1 
ATOM   359 C "C3'"  . DC  B 2 1  ? -11.069 6.127   11.771  1.00 0.37 ? 1  DC  B "C3'"  1 
ATOM   360 O "O3'"  . DC  B 2 1  ? -10.268 5.055   12.243  1.00 0.39 ? 1  DC  B "O3'"  1 
ATOM   361 C "C2'"  . DC  B 2 1  ? -11.267 5.881   10.308  1.00 0.32 ? 1  DC  B "C2'"  1 
ATOM   362 C "C1'"  . DC  B 2 1  ? -12.414 4.894   10.410  1.00 0.30 ? 1  DC  B "C1'"  1 
ATOM   363 N N1     . DC  B 2 1  ? -12.934 4.533   9.097   1.00 0.28 ? 1  DC  B N1     1 
ATOM   364 C C2     . DC  B 2 1  ? -13.247 3.213   8.850   1.00 0.28 ? 1  DC  B C2     1 
ATOM   365 O O2     . DC  B 2 1  ? -13.129 2.349   9.711   1.00 0.30 ? 1  DC  B O2     1 
ATOM   366 N N3     . DC  B 2 1  ? -13.696 2.881   7.616   1.00 0.27 ? 1  DC  B N3     1 
ATOM   367 C C4     . DC  B 2 1  ? -13.837 3.801   6.659   1.00 0.26 ? 1  DC  B C4     1 
ATOM   368 N N4     . DC  B 2 1  ? -14.276 3.402   5.463   1.00 0.28 ? 1  DC  B N4     1 
ATOM   369 C C5     . DC  B 2 1  ? -13.514 5.177   6.915   1.00 0.28 ? 1  DC  B C5     1 
ATOM   370 C C6     . DC  B 2 1  ? -13.069 5.487   8.148   1.00 0.28 ? 1  DC  B C6     1 
ATOM   371 H "H5'"  . DC  B 2 1  ? -12.562 7.893   13.535  1.00 0.53 ? 1  DC  B "H5'"  1 
ATOM   372 H "H5''" . DC  B 2 1  ? -13.009 8.199   11.838  1.00 0.50 ? 1  DC  B "H5''" 1 
ATOM   373 H "H4'"  . DC  B 2 1  ? -12.588 5.482   13.115  1.00 0.44 ? 1  DC  B "H4'"  1 
ATOM   374 H "H3'"  . DC  B 2 1  ? -10.557 7.062   11.992  1.00 0.42 ? 1  DC  B "H3'"  1 
ATOM   375 H "H2'"  . DC  B 2 1  ? -11.556 6.823   9.845   1.00 0.36 ? 1  DC  B "H2'"  1 
ATOM   376 H "H2''" . DC  B 2 1  ? -10.389 5.464   9.815   1.00 0.33 ? 1  DC  B "H2''" 1 
ATOM   377 H "H1'"  . DC  B 2 1  ? -12.091 4.002   10.948  1.00 0.31 ? 1  DC  B "H1'"  1 
ATOM   378 H H41    . DC  B 2 1  ? -14.492 2.428   5.272   1.00 0.25 ? 1  DC  B H41    1 
ATOM   379 H H42    . DC  B 2 1  ? -14.403 4.066   4.727   1.00 0.32 ? 1  DC  B H42    1 
ATOM   380 H H5     . DC  B 2 1  ? -13.623 5.944   6.148   1.00 0.32 ? 1  DC  B H5     1 
ATOM   381 H H6     . DC  B 2 1  ? -12.829 6.527   8.357   1.00 0.28 ? 1  DC  B H6     1 
ATOM   382 H "HO5'" . DC  B 2 1  ? -14.736 6.614   12.362  1.00 0.49 ? 1  DC  B "HO5'" 1 
ATOM   383 P P      . DG  B 2 2  ? -9.671  5.137   13.726  1.00 0.40 ? 2  DG  B P      1 
ATOM   384 O OP1    . DG  B 2 2  ? -10.798 5.258   14.677  1.00 0.47 ? 2  DG  B OP1    1 
ATOM   385 O OP2    . DG  B 2 2  ? -8.594  6.151   13.728  1.00 0.46 ? 2  DG  B OP2    1 
ATOM   386 O "O5'"  . DG  B 2 2  ? -9.015  3.699   13.905  1.00 0.40 ? 2  DG  B "O5'"  1 
ATOM   387 C "C5'"  . DG  B 2 2  ? -9.806  2.720   14.562  1.00 0.41 ? 2  DG  B "C5'"  1 
ATOM   388 C "C4'"  . DG  B 2 2  ? -9.856  1.419   13.790  1.00 0.37 ? 2  DG  B "C4'"  1 
ATOM   389 O "O4'"  . DG  B 2 2  ? -10.488 1.562   12.514  1.00 0.33 ? 2  DG  B "O4'"  1 
ATOM   390 C "C3'"  . DG  B 2 2  ? -8.525  0.780   13.450  1.00 0.34 ? 2  DG  B "C3'"  1 
ATOM   391 O "O3'"  . DG  B 2 2  ? -8.560  -0.639  13.331  1.00 0.35 ? 2  DG  B "O3'"  1 
ATOM   392 C "C2'"  . DG  B 2 2  ? -8.270  1.399   12.090  1.00 0.30 ? 2  DG  B "C2'"  1 
ATOM   393 C "C1'"  . DG  B 2 2  ? -9.609  1.009   11.519  1.00 0.28 ? 2  DG  B "C1'"  1 
ATOM   394 N N9     . DG  B 2 2  ? -9.896  1.632   10.216  1.00 0.25 ? 2  DG  B N9     1 
ATOM   395 C C8     . DG  B 2 2  ? -9.776  2.957   9.928   1.00 0.25 ? 2  DG  B C8     1 
ATOM   396 N N7     . DG  B 2 2  ? -10.107 3.272   8.707   1.00 0.24 ? 2  DG  B N7     1 
ATOM   397 C C5     . DG  B 2 2  ? -10.474 2.061   8.140   1.00 0.22 ? 2  DG  B C5     1 
ATOM   398 C C6     . DG  B 2 2  ? -10.926 1.796   6.827   1.00 0.20 ? 2  DG  B C6     1 
ATOM   399 O O6     . DG  B 2 2  ? -11.089 2.604   5.914   1.00 0.21 ? 2  DG  B O6     1 
ATOM   400 N N1     . DG  B 2 2  ? -11.201 0.445   6.628   1.00 0.19 ? 2  DG  B N1     1 
ATOM   401 C C2     . DG  B 2 2  ? -11.053 -0.548  7.594   1.00 0.20 ? 2  DG  B C2     1 
ATOM   402 N N2     . DG  B 2 2  ? -11.354 -1.814  7.252   1.00 0.20 ? 2  DG  B N2     1 
ATOM   403 N N3     . DG  B 2 2  ? -10.622 -0.280  8.841   1.00 0.22 ? 2  DG  B N3     1 
ATOM   404 C C4     . DG  B 2 2  ? -10.352 1.038   9.047   1.00 0.22 ? 2  DG  B C4     1 
ATOM   405 H "H5'"  . DG  B 2 2  ? -10.813 3.119   14.690  1.00 0.45 ? 2  DG  B "H5'"  1 
ATOM   406 H "H5''" . DG  B 2 2  ? -9.368  2.540   15.543  1.00 0.49 ? 2  DG  B "H5''" 1 
ATOM   407 H "H4'"  . DG  B 2 2  ? -10.435 0.701   14.372  1.00 0.44 ? 2  DG  B "H4'"  1 
ATOM   408 H "H3'"  . DG  B 2 2  ? -7.765  1.028   14.190  1.00 0.38 ? 2  DG  B "H3'"  1 
ATOM   409 H "H2'"  . DG  B 2 2  ? -8.158  2.480   12.174  1.00 0.34 ? 2  DG  B "H2'"  1 
ATOM   410 H "H2''" . DG  B 2 2  ? -7.440  0.942   11.552  1.00 0.32 ? 2  DG  B "H2''" 1 
ATOM   411 H "H1'"  . DG  B 2 2  ? -9.695  -0.077  11.473  1.00 0.29 ? 2  DG  B "H1'"  1 
ATOM   412 H H8     . DG  B 2 2  ? -9.434  3.685   10.664  1.00 0.30 ? 2  DG  B H8     1 
ATOM   413 H H1     . DG  B 2 2  ? -11.546 0.203   5.702   1.00 0.16 ? 2  DG  B H1     1 
ATOM   414 H H21    . DG  B 2 2  ? -11.691 -2.056  6.320   1.00 0.23 ? 2  DG  B H21    1 
ATOM   415 H H22    . DG  B 2 2  ? -11.248 -2.562  7.926   1.00 0.25 ? 2  DG  B H22    1 
ATOM   416 P P      . DA  B 2 3  ? -7.237  -1.446  13.730  1.00 0.37 ? 3  DA  B P      1 
ATOM   417 O OP1    . DA  B 2 3  ? -7.619  -2.572  14.611  1.00 0.44 ? 3  DA  B OP1    1 
ATOM   418 O OP2    . DA  B 2 3  ? -6.221  -0.468  14.182  1.00 0.37 ? 3  DA  B OP2    1 
ATOM   419 O "O5'"  . DA  B 2 3  ? -6.765  -2.053  12.335  1.00 0.34 ? 3  DA  B "O5'"  1 
ATOM   420 C "C5'"  . DA  B 2 3  ? -7.445  -3.223  11.908  1.00 0.32 ? 3  DA  B "C5'"  1 
ATOM   421 C "C4'"  . DA  B 2 3  ? -7.254  -3.406  10.413  1.00 0.26 ? 3  DA  B "C4'"  1 
ATOM   422 O "O4'"  . DA  B 2 3  ? -7.797  -2.263  9.755   1.00 0.24 ? 3  DA  B "O4'"  1 
ATOM   423 C "C3'"  . DA  B 2 3  ? -5.809  -3.486  9.930   1.00 0.27 ? 3  DA  B "C3'"  1 
ATOM   424 O "O3'"  . DA  B 2 3  ? -5.506  -4.556  9.039   1.00 0.28 ? 3  DA  B "O3'"  1 
ATOM   425 C "C2'"  . DA  B 2 3  ? -5.680  -2.201  9.156   1.00 0.25 ? 3  DA  B "C2'"  1 
ATOM   426 C "C1'"  . DA  B 2 3  ? -7.050  -2.132  8.553   1.00 0.23 ? 3  DA  B "C1'"  1 
ATOM   427 N N9     . DA  B 2 3  ? -7.267  -0.821  7.943   1.00 0.20 ? 3  DA  B N9     1 
ATOM   428 C C8     . DA  B 2 3  ? -7.057  0.403   8.509   1.00 0.22 ? 3  DA  B C8     1 
ATOM   429 N N7     . DA  B 2 3  ? -7.321  1.406   7.715   1.00 0.21 ? 3  DA  B N7     1 
ATOM   430 C C5     . DA  B 2 3  ? -7.736  0.792   6.543   1.00 0.18 ? 3  DA  B C5     1 
ATOM   431 C C6     . DA  B 2 3  ? -8.155  1.309   5.317   1.00 0.17 ? 3  DA  B C6     1 
ATOM   432 N N6     . DA  B 2 3  ? -8.221  2.632   5.092   1.00 0.19 ? 3  DA  B N6     1 
ATOM   433 N N1     . DA  B 2 3  ? -8.487  0.402   4.396   1.00 0.17 ? 3  DA  B N1     1 
ATOM   434 C C2     . DA  B 2 3  ? -8.423  -0.903  4.626   1.00 0.17 ? 3  DA  B C2     1 
ATOM   435 N N3     . DA  B 2 3  ? -8.041  -1.496  5.741   1.00 0.18 ? 3  DA  B N3     1 
ATOM   436 C C4     . DA  B 2 3  ? -7.707  -0.572  6.672   1.00 0.18 ? 3  DA  B C4     1 
ATOM   437 H "H5'"  . DA  B 2 3  ? -8.503  -3.124  12.147  1.00 0.38 ? 3  DA  B "H5'"  1 
ATOM   438 H "H5''" . DA  B 2 3  ? -7.032  -4.077  12.443  1.00 0.42 ? 3  DA  B "H5''" 1 
ATOM   439 H "H4'"  . DA  B 2 3  ? -7.797  -4.291  10.079  1.00 0.31 ? 3  DA  B "H4'"  1 
ATOM   440 H "H3'"  . DA  B 2 3  ? -5.127  -3.523  10.779  1.00 0.37 ? 3  DA  B "H3'"  1 
ATOM   441 H "H2'"  . DA  B 2 3  ? -5.515  -1.378  9.852   1.00 0.28 ? 3  DA  B "H2'"  1 
ATOM   442 H "H2''" . DA  B 2 3  ? -4.896  -2.227  8.401   1.00 0.34 ? 3  DA  B "H2''" 1 
ATOM   443 H "H1'"  . DA  B 2 3  ? -7.227  -2.955  7.860   1.00 0.29 ? 3  DA  B "H1'"  1 
ATOM   444 H H8     . DA  B 2 3  ? -6.699  0.531   9.529   1.00 0.25 ? 3  DA  B H8     1 
ATOM   445 H H61    . DA  B 2 3  ? -8.480  3.142   4.254   1.00 0.20 ? 3  DA  B H61    1 
ATOM   446 H H62    . DA  B 2 3  ? -7.975  3.195   5.869   1.00 0.22 ? 3  DA  B H62    1 
ATOM   447 H H2     . DA  B 2 3  ? -8.723  -1.558  3.808   1.00 0.19 ? 3  DA  B H2     1 
ATOM   448 P P      . DA  B 2 4  ? -5.589  -6.082  9.543   1.00 0.31 ? 4  DA  B P      1 
ATOM   449 O OP1    . DA  B 2 4  ? -6.862  -6.287  10.266  1.00 0.33 ? 4  DA  B OP1    1 
ATOM   450 O OP2    . DA  B 2 4  ? -4.305  -6.416  10.201  1.00 0.39 ? 4  DA  B OP2    1 
ATOM   451 O "O5'"  . DA  B 2 4  ? -5.659  -6.893  8.174   1.00 0.32 ? 4  DA  B "O5'"  1 
ATOM   452 C "C5'"  . DA  B 2 4  ? -4.480  -6.939  7.393   1.00 0.32 ? 4  DA  B "C5'"  1 
ATOM   453 C "C4'"  . DA  B 2 4  ? -4.848  -7.070  5.922   1.00 0.29 ? 4  DA  B "C4'"  1 
ATOM   454 O "O4'"  . DA  B 2 4  ? -5.602  -5.903  5.561   1.00 0.26 ? 4  DA  B "O4'"  1 
ATOM   455 C "C3'"  . DA  B 2 4  ? -3.737  -7.123  4.892   1.00 0.27 ? 4  DA  B "C3'"  1 
ATOM   456 O "O3'"  . DA  B 2 4  ? -4.130  -7.527  3.585   1.00 0.28 ? 4  DA  B "O3'"  1 
ATOM   457 C "C2'"  . DA  B 2 4  ? -3.445  -5.650  4.822   1.00 0.24 ? 4  DA  B "C2'"  1 
ATOM   458 C "C1'"  . DA  B 2 4  ? -4.865  -5.194  4.554   1.00 0.23 ? 4  DA  B "C1'"  1 
ATOM   459 N N9     . DA  B 2 4  ? -4.923  -3.733  4.712   1.00 0.22 ? 4  DA  B N9     1 
ATOM   460 C C8     . DA  B 2 4  ? -4.620  -3.001  5.825   1.00 0.23 ? 4  DA  B C8     1 
ATOM   461 N N7     . DA  B 2 4  ? -4.719  -1.710  5.660   1.00 0.21 ? 4  DA  B N7     1 
ATOM   462 C C5     . DA  B 2 4  ? -5.123  -1.583  4.339   1.00 0.18 ? 4  DA  B C5     1 
ATOM   463 C C6     . DA  B 2 4  ? -5.402  -0.461  3.557   1.00 0.15 ? 4  DA  B C6     1 
ATOM   464 N N6     . DA  B 2 4  ? -5.287  0.760   4.071   1.00 0.15 ? 4  DA  B N6     1 
ATOM   465 N N1     . DA  B 2 4  ? -5.776  -0.673  2.292   1.00 0.14 ? 4  DA  B N1     1 
ATOM   466 C C2     . DA  B 2 4  ? -5.867  -1.918  1.835   1.00 0.15 ? 4  DA  B C2     1 
ATOM   467 N N3     . DA  B 2 4  ? -5.628  -3.052  2.476   1.00 0.19 ? 4  DA  B N3     1 
ATOM   468 C C4     . DA  B 2 4  ? -5.253  -2.808  3.748   1.00 0.19 ? 4  DA  B C4     1 
ATOM   469 H "H5'"  . DA  B 2 4  ? -3.878  -7.790  7.708   1.00 0.35 ? 4  DA  B "H5'"  1 
ATOM   470 H "H5''" . DA  B 2 4  ? -3.927  -6.020  7.581   1.00 0.35 ? 4  DA  B "H5''" 1 
ATOM   471 H "H4'"  . DA  B 2 4  ? -5.483  -7.948  5.801   1.00 0.34 ? 4  DA  B "H4'"  1 
ATOM   472 H "H3'"  . DA  B 2 4  ? -2.896  -7.736  5.216   1.00 0.33 ? 4  DA  B "H3'"  1 
ATOM   473 H "H2'"  . DA  B 2 4  ? -3.079  -5.291  5.783   1.00 0.28 ? 4  DA  B "H2'"  1 
ATOM   474 H "H2''" . DA  B 2 4  ? -2.767  -5.368  4.017   1.00 0.28 ? 4  DA  B "H2''" 1 
ATOM   475 H "H1'"  . DA  B 2 4  ? -5.169  -5.505  3.553   1.00 0.26 ? 4  DA  B "H1'"  1 
ATOM   476 H H8     . DA  B 2 4  ? -4.327  -3.468  6.764   1.00 0.27 ? 4  DA  B H8     1 
ATOM   477 H H61    . DA  B 2 4  ? -5.467  1.656   3.637   1.00 0.17 ? 4  DA  B H61    1 
ATOM   478 H H62    . DA  B 2 4  ? -4.985  0.798   5.001   1.00 0.22 ? 4  DA  B H62    1 
ATOM   479 H H2     . DA  B 2 4  ? -6.167  -2.022  0.792   1.00 0.16 ? 4  DA  B H2     1 
ATOM   480 P P      . DA  B 2 5  ? -3.063  -8.294  2.669   1.00 0.28 ? 5  DA  B P      1 
ATOM   481 O OP1    . DA  B 2 5  ? -3.346  -9.746  2.729   1.00 0.37 ? 5  DA  B OP1    1 
ATOM   482 O OP2    . DA  B 2 5  ? -1.713  -7.787  3.002   1.00 0.34 ? 5  DA  B OP2    1 
ATOM   483 O "O5'"  . DA  B 2 5  ? -3.446  -7.767  1.213   1.00 0.28 ? 5  DA  B "O5'"  1 
ATOM   484 C "C5'"  . DA  B 2 5  ? -4.702  -8.204  0.723   1.00 0.26 ? 5  DA  B "C5'"  1 
ATOM   485 C "C4'"  . DA  B 2 5  ? -5.160  -7.427  -0.495  1.00 0.22 ? 5  DA  B "C4'"  1 
ATOM   486 O "O4'"  . DA  B 2 5  ? -5.256  -6.038  -0.192  1.00 0.21 ? 5  DA  B "O4'"  1 
ATOM   487 C "C3'"  . DA  B 2 5  ? -4.386  -7.459  -1.780  1.00 0.22 ? 5  DA  B "C3'"  1 
ATOM   488 O "O3'"  . DA  B 2 5  ? -5.121  -6.925  -2.877  1.00 0.21 ? 5  DA  B "O3'"  1 
ATOM   489 C "C2'"  . DA  B 2 5  ? -3.326  -6.465  -1.370  1.00 0.21 ? 5  DA  B "C2'"  1 
ATOM   490 C "C1'"  . DA  B 2 5  ? -4.256  -5.331  -0.929  1.00 0.19 ? 5  DA  B "C1'"  1 
ATOM   491 N N9     . DA  B 2 5  ? -3.672  -4.400  0.049   1.00 0.18 ? 5  DA  B N9     1 
ATOM   492 C C8     . DA  B 2 5  ? -3.066  -4.732  1.220   1.00 0.19 ? 5  DA  B C8     1 
ATOM   493 N N7     . DA  B 2 5  ? -2.636  -3.725  1.924   1.00 0.19 ? 5  DA  B N7     1 
ATOM   494 C C5     . DA  B 2 5  ? -2.990  -2.635  1.151   1.00 0.16 ? 5  DA  B C5     1 
ATOM   495 C C6     . DA  B 2 5  ? -2.812  -1.269  1.346   1.00 0.15 ? 5  DA  B C6     1 
ATOM   496 N N6     . DA  B 2 5  ? -2.206  -0.794  2.442   1.00 0.15 ? 5  DA  B N6     1 
ATOM   497 N N1     . DA  B 2 5  ? -3.284  -0.466  0.380   1.00 0.14 ? 5  DA  B N1     1 
ATOM   498 C C2     . DA  B 2 5  ? -3.885  -0.971  -0.697  1.00 0.14 ? 5  DA  B C2     1 
ATOM   499 N N3     . DA  B 2 5  ? -4.103  -2.243  -0.979  1.00 0.14 ? 5  DA  B N3     1 
ATOM   500 C C4     . DA  B 2 5  ? -3.623  -3.032  0.001   1.00 0.16 ? 5  DA  B C4     1 
ATOM   501 H "H5'"  . DA  B 2 5  ? -5.424  -8.069  1.528   1.00 0.30 ? 5  DA  B "H5'"  1 
ATOM   502 H "H5''" . DA  B 2 5  ? -4.636  -9.266  0.487   1.00 0.37 ? 5  DA  B "H5''" 1 
ATOM   503 H "H4'"  . DA  B 2 5  ? -6.170  -7.777  -0.711  1.00 0.24 ? 5  DA  B "H4'"  1 
ATOM   504 H "H3'"  . DA  B 2 5  ? -4.004  -8.449  -2.027  1.00 0.27 ? 5  DA  B "H3'"  1 
ATOM   505 H "H2'"  . DA  B 2 5  ? -2.778  -6.885  -0.526  1.00 0.27 ? 5  DA  B "H2'"  1 
ATOM   506 H "H2''" . DA  B 2 5  ? -2.656  -6.183  -2.181  1.00 0.27 ? 5  DA  B "H2''" 1 
ATOM   507 H "H1'"  . DA  B 2 5  ? -4.681  -4.817  -1.793  1.00 0.24 ? 5  DA  B "H1'"  1 
ATOM   508 H H8     . DA  B 2 5  ? -2.961  -5.766  1.543   1.00 0.22 ? 5  DA  B H8     1 
ATOM   509 H H61    . DA  B 2 5  ? -2.029  0.181   2.647   1.00 0.19 ? 5  DA  B H61    1 
ATOM   510 H H62    . DA  B 2 5  ? -1.899  -1.470  3.118   1.00 0.20 ? 5  DA  B H62    1 
ATOM   511 H H2     . DA  B 2 5  ? -4.232  -0.251  -1.439  1.00 0.17 ? 5  DA  B H2     1 
ATOM   512 P P      . DT  B 2 6  ? -4.623  -7.303  -4.343  1.00 0.20 ? 6  DT  B P      1 
ATOM   513 O OP1    . DT  B 2 6  ? -5.496  -6.651  -5.345  1.00 0.22 ? 6  DT  B OP1    1 
ATOM   514 O OP2    . DT  B 2 6  ? -4.396  -8.764  -4.396  1.00 0.28 ? 6  DT  B OP2    1 
ATOM   515 O "O5'"  . DT  B 2 6  ? -3.194  -6.579  -4.314  1.00 0.26 ? 6  DT  B "O5'"  1 
ATOM   516 C "C5'"  . DT  B 2 6  ? -2.764  -5.742  -5.369  1.00 0.23 ? 6  DT  B "C5'"  1 
ATOM   517 C "C4'"  . DT  B 2 6  ? -3.650  -4.529  -5.553  1.00 0.21 ? 6  DT  B "C4'"  1 
ATOM   518 O "O4'"  . DT  B 2 6  ? -3.756  -3.738  -4.382  1.00 0.22 ? 6  DT  B "O4'"  1 
ATOM   519 C "C3'"  . DT  B 2 6  ? -3.122  -3.620  -6.604  1.00 0.20 ? 6  DT  B "C3'"  1 
ATOM   520 O "O3'"  . DT  B 2 6  ? -4.050  -2.754  -7.232  1.00 0.21 ? 6  DT  B "O3'"  1 
ATOM   521 C "C2'"  . DT  B 2 6  ? -2.156  -2.830  -5.777  1.00 0.19 ? 6  DT  B "C2'"  1 
ATOM   522 C "C1'"  . DT  B 2 6  ? -3.050  -2.515  -4.617  1.00 0.19 ? 6  DT  B "C1'"  1 
ATOM   523 N N1     . DT  B 2 6  ? -2.254  -2.307  -3.405  1.00 0.17 ? 6  DT  B N1     1 
ATOM   524 C C2     . DT  B 2 6  ? -1.983  -1.033  -2.925  1.00 0.18 ? 6  DT  B C2     1 
ATOM   525 O O2     . DT  B 2 6  ? -2.373  -0.003  -3.466  1.00 0.20 ? 6  DT  B O2     1 
ATOM   526 N N3     . DT  B 2 6  ? -1.220  -0.988  -1.765  1.00 0.19 ? 6  DT  B N3     1 
ATOM   527 C C4     . DT  B 2 6  ? -0.717  -2.083  -1.073  1.00 0.19 ? 6  DT  B C4     1 
ATOM   528 O O4     . DT  B 2 6  ? -0.039  -1.927  -0.059  1.00 0.22 ? 6  DT  B O4     1 
ATOM   529 C C5     . DT  B 2 6  ? -1.064  -3.354  -1.669  1.00 0.18 ? 6  DT  B C5     1 
ATOM   530 C C7     . DT  B 2 6  ? -0.629  -4.671  -1.074  1.00 0.21 ? 6  DT  B C7     1 
ATOM   531 C C6     . DT  B 2 6  ? -1.796  -3.417  -2.774  1.00 0.18 ? 6  DT  B C6     1 
ATOM   532 H "H5'"  . DT  B 2 6  ? -2.777  -6.324  -6.290  1.00 0.26 ? 6  DT  B "H5'"  1 
ATOM   533 H "H5''" . DT  B 2 6  ? -1.741  -5.450  -5.152  1.00 0.29 ? 6  DT  B "H5''" 1 
ATOM   534 H "H4'"  . DT  B 2 6  ? -4.649  -4.857  -5.847  1.00 0.24 ? 6  DT  B "H4'"  1 
ATOM   535 H "H3'"  . DT  B 2 6  ? -2.636  -4.186  -7.399  1.00 0.24 ? 6  DT  B "H3'"  1 
ATOM   536 H "H2'"  . DT  B 2 6  ? -1.337  -3.485  -5.518  1.00 0.22 ? 6  DT  B "H2'"  1 
ATOM   537 H "H2''" . DT  B 2 6  ? -1.806  -1.922  -6.264  1.00 0.23 ? 6  DT  B "H2''" 1 
ATOM   538 H "H1'"  . DT  B 2 6  ? -3.716  -1.678  -4.837  1.00 0.24 ? 6  DT  B "H1'"  1 
ATOM   539 H H71    . DT  B 2 6  ? 0.098   -4.462  -0.289  1.00 0.33 ? 6  DT  B H71    1 
ATOM   540 H H72    . DT  B 2 6  ? -0.158  -5.282  -1.844  1.00 0.27 ? 6  DT  B H72    1 
ATOM   541 H H73    . DT  B 2 6  ? -1.456  -5.204  -0.632  1.00 0.30 ? 6  DT  B H73    1 
ATOM   542 H H6     . DT  B 2 6  ? -2.015  -4.409  -3.162  1.00 0.20 ? 6  DT  B H6     1 
ATOM   543 P P      . DT  B 2 7  ? -3.642  -2.268  -8.696  1.00 0.22 ? 7  DT  B P      1 
ATOM   544 O OP1    . DT  B 2 7  ? -4.732  -1.439  -9.257  1.00 0.25 ? 7  DT  B OP1    1 
ATOM   545 O OP2    . DT  B 2 7  ? -3.125  -3.434  -9.449  1.00 0.32 ? 7  DT  B OP2    1 
ATOM   546 O "O5'"  . DT  B 2 7  ? -2.414  -1.311  -8.343  1.00 0.21 ? 7  DT  B "O5'"  1 
ATOM   547 C "C5'"  . DT  B 2 7  ? -2.802  0.008   -8.007  1.00 0.22 ? 7  DT  B "C5'"  1 
ATOM   548 C "C4'"  . DT  B 2 7  ? -1.622  0.870   -7.635  1.00 0.21 ? 7  DT  B "C4'"  1 
ATOM   549 O "O4'"  . DT  B 2 7  ? -1.118  0.439   -6.377  1.00 0.22 ? 7  DT  B "O4'"  1 
ATOM   550 C "C3'"  . DT  B 2 7  ? -0.400  0.896   -8.560  1.00 0.20 ? 7  DT  B "C3'"  1 
ATOM   551 O "O3'"  . DT  B 2 7  ? 0.344   2.109   -8.600  1.00 0.19 ? 7  DT  B "O3'"  1 
ATOM   552 C "C2'"  . DT  B 2 7  ? 0.507   -0.066  -7.812  1.00 0.18 ? 7  DT  B "C2'"  1 
ATOM   553 C "C1'"  . DT  B 2 7  ? 0.299   0.514   -6.432  1.00 0.17 ? 7  DT  B "C1'"  1 
ATOM   554 N N1     . DT  B 2 7  ? 0.805   -0.280  -5.302  1.00 0.16 ? 7  DT  B N1     1 
ATOM   555 C C2     . DT  B 2 7  ? 1.386   0.375   -4.237  1.00 0.15 ? 7  DT  B C2     1 
ATOM   556 O O2     . DT  B 2 7  ? 1.526   1.593   -4.192  1.00 0.18 ? 7  DT  B O2     1 
ATOM   557 N N3     . DT  B 2 7  ? 1.824   -0.435  -3.204  1.00 0.15 ? 7  DT  B N3     1 
ATOM   558 C C4     . DT  B 2 7  ? 1.734   -1.814  -3.144  1.00 0.15 ? 7  DT  B C4     1 
ATOM   559 O O4     . DT  B 2 7  ? 2.153   -2.429  -2.165  1.00 0.17 ? 7  DT  B O4     1 
ATOM   560 C C5     . DT  B 2 7  ? 1.115   -2.387  -4.313  1.00 0.16 ? 7  DT  B C5     1 
ATOM   561 C C7     . DT  B 2 7  ? 0.934   -3.873  -4.471  1.00 0.18 ? 7  DT  B C7     1 
ATOM   562 C C6     . DT  B 2 7  ? 0.685   -1.630  -5.315  1.00 0.17 ? 7  DT  B C6     1 
ATOM   563 H "H5'"  . DT  B 2 7  ? -3.536  -0.012  -7.201  1.00 0.29 ? 7  DT  B "H5'"  1 
ATOM   564 H "H5''" . DT  B 2 7  ? -3.274  0.421   -8.897  1.00 0.27 ? 7  DT  B "H5''" 1 
ATOM   565 H "H4'"  . DT  B 2 7  ? -1.969  1.897   -7.519  1.00 0.27 ? 7  DT  B "H4'"  1 
ATOM   566 H "H3'"  . DT  B 2 7  ? -0.644  0.594   -9.579  1.00 0.24 ? 7  DT  B "H3'"  1 
ATOM   567 H "H2'"  . DT  B 2 7  ? 0.134   -1.084  -7.924  1.00 0.21 ? 7  DT  B "H2'"  1 
ATOM   568 H "H2''" . DT  B 2 7  ? 1.509   0.049   -8.196  1.00 0.23 ? 7  DT  B "H2''" 1 
ATOM   569 H "H1'"  . DT  B 2 7  ? 0.638   1.551   -6.385  1.00 0.23 ? 7  DT  B "H1'"  1 
ATOM   570 H H3     . DT  B 2 7  ? 2.250   0.053   -2.427  1.00 0.15 ? 7  DT  B H3     1 
ATOM   571 H H71    . DT  B 2 7  ? -0.027  -4.271  -4.377  1.00 0.77 ? 7  DT  B H71    1 
ATOM   572 H H72    . DT  B 2 7  ? 1.490   -4.412  -3.710  1.00 0.76 ? 7  DT  B H72    1 
ATOM   573 H H73    . DT  B 2 7  ? 1.056   -4.176  -5.491  1.00 0.91 ? 7  DT  B H73    1 
ATOM   574 H H6     . DT  B 2 7  ? 0.236   -2.120  -6.173  1.00 0.22 ? 7  DT  B H6     1 
ATOM   575 P P      . DT  B 2 8  ? 1.309   2.378   -9.855  1.00 0.20 ? 8  DT  B P      1 
ATOM   576 O OP1    . DT  B 2 8  ? 0.474   2.744   -11.021 1.00 0.25 ? 8  DT  B OP1    1 
ATOM   577 O OP2    . DT  B 2 8  ? 2.262   1.248   -9.949  1.00 0.21 ? 8  DT  B OP2    1 
ATOM   578 O "O5'"  . DT  B 2 8  ? 2.126   3.661   -9.393  1.00 0.26 ? 8  DT  B "O5'"  1 
ATOM   579 C "C5'"  . DT  B 2 8  ? 1.313   4.698   -8.881  1.00 0.23 ? 8  DT  B "C5'"  1 
ATOM   580 C "C4'"  . DT  B 2 8  ? 1.839   5.179   -7.551  1.00 0.20 ? 8  DT  B "C4'"  1 
ATOM   581 O "O4'"  . DT  B 2 8  ? 2.029   4.037   -6.704  1.00 0.19 ? 8  DT  B "O4'"  1 
ATOM   582 C "C3'"  . DT  B 2 8  ? 3.184   5.877   -7.519  1.00 0.18 ? 8  DT  B "C3'"  1 
ATOM   583 O "O3'"  . DT  B 2 8  ? 3.367   6.723   -6.393  1.00 0.21 ? 8  DT  B "O3'"  1 
ATOM   584 C "C2'"  . DT  B 2 8  ? 4.110   4.682   -7.366  1.00 0.18 ? 8  DT  B "C2'"  1 
ATOM   585 C "C1'"  . DT  B 2 8  ? 3.382   4.011   -6.214  1.00 0.17 ? 8  DT  B "C1'"  1 
ATOM   586 N N1     . DT  B 2 8  ? 3.759   2.617   -5.868  1.00 0.15 ? 8  DT  B N1     1 
ATOM   587 C C2     . DT  B 2 8  ? 4.304   2.346   -4.607  1.00 0.14 ? 8  DT  B C2     1 
ATOM   588 O O2     . DT  B 2 8  ? 4.526   3.216   -3.769  1.00 0.16 ? 8  DT  B O2     1 
ATOM   589 N N3     . DT  B 2 8  ? 4.610   1.006   -4.350  1.00 0.13 ? 8  DT  B N3     1 
ATOM   590 C C4     . DT  B 2 8  ? 4.419   -0.045  -5.240  1.00 0.14 ? 8  DT  B C4     1 
ATOM   591 O O4     . DT  B 2 8  ? 4.712   -1.202  -4.951  1.00 0.17 ? 8  DT  B O4     1 
ATOM   592 C C5     . DT  B 2 8  ? 3.861   0.348   -6.501  1.00 0.14 ? 8  DT  B C5     1 
ATOM   593 C C7     . DT  B 2 8  ? 3.622   -0.713  -7.550  1.00 0.17 ? 8  DT  B C7     1 
ATOM   594 C C6     . DT  B 2 8  ? 3.554   1.621   -6.773  1.00 0.15 ? 8  DT  B C6     1 
ATOM   595 H "H5'"  . DT  B 2 8  ? 0.319   4.273   -8.737  1.00 0.31 ? 8  DT  B "H5'"  1 
ATOM   596 H "H5''" . DT  B 2 8  ? 1.254   5.520   -9.593  1.00 0.28 ? 8  DT  B "H5''" 1 
ATOM   597 H "H4'"  . DT  B 2 8  ? 1.094   5.830   -7.093  1.00 0.28 ? 8  DT  B "H4'"  1 
ATOM   598 H "H3'"  . DT  B 2 8  ? 3.356   6.472   -8.416  1.00 0.22 ? 8  DT  B "H3'"  1 
ATOM   599 H "H2'"  . DT  B 2 8  ? 4.070   4.092   -8.279  1.00 0.26 ? 8  DT  B "H2'"  1 
ATOM   600 H "H2''" . DT  B 2 8  ? 5.113   4.994   -7.094  1.00 0.25 ? 8  DT  B "H2''" 1 
ATOM   601 H "H1'"  . DT  B 2 8  ? 3.467   4.648   -5.332  1.00 0.22 ? 8  DT  B "H1'"  1 
ATOM   602 H H3     . DT  B 2 8  ? 5.008   0.791   -3.435  1.00 0.14 ? 8  DT  B H3     1 
ATOM   603 H H71    . DT  B 2 8  ? 2.751   -1.275  -7.421  1.00 0.32 ? 8  DT  B H71    1 
ATOM   604 H H72    . DT  B 2 8  ? 3.494   -0.314  -8.549  1.00 0.26 ? 8  DT  B H72    1 
ATOM   605 H H73    . DT  B 2 8  ? 4.284   -1.552  -7.397  1.00 0.26 ? 8  DT  B H73    1 
ATOM   606 H H6     . DT  B 2 8  ? 3.123   1.874   -7.739  1.00 0.18 ? 8  DT  B H6     1 
ATOM   607 P P      . DT  B 2 9  ? 4.040   8.142   -6.695  1.00 0.17 ? 9  DT  B P      1 
ATOM   608 O OP1    . DT  B 2 9  ? 3.621   9.102   -5.649  1.00 0.22 ? 9  DT  B OP1    1 
ATOM   609 O OP2    . DT  B 2 9  ? 3.811   8.459   -8.124  1.00 0.21 ? 9  DT  B OP2    1 
ATOM   610 O "O5'"  . DT  B 2 9  ? 5.594   7.834   -6.497  1.00 0.22 ? 9  DT  B "O5'"  1 
ATOM   611 C "C5'"  . DT  B 2 9  ? 6.040   7.946   -5.157  1.00 0.23 ? 9  DT  B "C5'"  1 
ATOM   612 C "C4'"  . DT  B 2 9  ? 7.162   6.989   -4.843  1.00 0.19 ? 9  DT  B "C4'"  1 
ATOM   613 O "O4'"  . DT  B 2 9  ? 6.735   5.640   -5.043  1.00 0.19 ? 9  DT  B "O4'"  1 
ATOM   614 C "C3'"  . DT  B 2 9  ? 8.482   7.102   -5.600  1.00 0.19 ? 9  DT  B "C3'"  1 
ATOM   615 O "O3'"  . DT  B 2 9  ? 9.613   7.338   -4.772  1.00 0.21 ? 9  DT  B "O3'"  1 
ATOM   616 C "C2'"  . DT  B 2 9  ? 8.591   5.709   -6.171  1.00 0.17 ? 9  DT  B "C2'"  1 
ATOM   617 C "C1'"  . DT  B 2 9  ? 7.949   4.892   -5.077  1.00 0.16 ? 9  DT  B "C1'"  1 
ATOM   618 N N1     . DT  B 2 9  ? 7.740   3.535   -5.590  1.00 0.16 ? 9  DT  B N1     1 
ATOM   619 C C2     . DT  B 2 9  ? 8.162   2.456   -4.848  1.00 0.15 ? 9  DT  B C2     1 
ATOM   620 O O2     . DT  B 2 9  ? 8.691   2.556   -3.742  1.00 0.18 ? 9  DT  B O2     1 
ATOM   621 N N3     . DT  B 2 9  ? 7.950   1.223   -5.433  1.00 0.16 ? 9  DT  B N3     1 
ATOM   622 C C4     . DT  B 2 9  ? 7.368   0.967   -6.658  1.00 0.18 ? 9  DT  B C4     1 
ATOM   623 O O4     . DT  B 2 9  ? 7.238   -0.194  -7.052  1.00 0.20 ? 9  DT  B O4     1 
ATOM   624 C C5     . DT  B 2 9  ? 6.965   2.173   -7.338  1.00 0.18 ? 9  DT  B C5     1 
ATOM   625 C C7     . DT  B 2 9  ? 6.322   2.140   -8.693  1.00 0.23 ? 9  DT  B C7     1 
ATOM   626 C C6     . DT  B 2 9  ? 7.158   3.374   -6.802  1.00 0.17 ? 9  DT  B C6     1 
ATOM   627 H "H5'"  . DT  B 2 9  ? 5.188   7.729   -4.513  1.00 0.29 ? 9  DT  B "H5'"  1 
ATOM   628 H "H5''" . DT  B 2 9  ? 6.363   8.971   -4.978  1.00 0.28 ? 9  DT  B "H5''" 1 
ATOM   629 H "H4'"  . DT  B 2 9  ? 7.399   7.100   -3.785  1.00 0.22 ? 9  DT  B "H4'"  1 
ATOM   630 H "H3'"  . DT  B 2 9  ? 8.428   7.844   -6.396  1.00 0.26 ? 9  DT  B "H3'"  1 
ATOM   631 H "H2'"  . DT  B 2 9  ? 8.032   5.717   -7.104  1.00 0.23 ? 9  DT  B "H2'"  1 
ATOM   632 H "H2''" . DT  B 2 9  ? 9.621   5.429   -6.364  1.00 0.23 ? 9  DT  B "H2''" 1 
ATOM   633 H "H1'"  . DT  B 2 9  ? 8.508   4.925   -4.140  1.00 0.21 ? 9  DT  B "H1'"  1 
ATOM   634 H H3     . DT  B 2 9  ? 8.258   0.438   -4.881  1.00 0.17 ? 9  DT  B H3     1 
ATOM   635 H H71    . DT  B 2 9  ? 5.428   2.694   -8.771  1.00 0.52 ? 9  DT  B H71    1 
ATOM   636 H H72    . DT  B 2 9  ? 6.814   2.782   -9.377  1.00 0.53 ? 9  DT  B H72    1 
ATOM   637 H H73    . DT  B 2 9  ? 6.214   1.127   -9.077  1.00 0.52 ? 9  DT  B H73    1 
ATOM   638 H H6     . DT  B 2 9  ? 6.833   4.230   -7.381  1.00 0.21 ? 9  DT  B H6     1 
ATOM   639 P P      . DC  B 2 10 ? 10.946  8.003   -5.361  1.00 0.20 ? 10 DC  B P      1 
ATOM   640 O OP1    . DC  B 2 10 ? 10.941  9.448   -5.043  1.00 0.30 ? 10 DC  B OP1    1 
ATOM   641 O OP2    . DC  B 2 10 ? 11.118  7.542   -6.757  1.00 0.22 ? 10 DC  B OP2    1 
ATOM   642 O "O5'"  . DC  B 2 10 ? 12.045  7.290   -4.457  1.00 0.20 ? 10 DC  B "O5'"  1 
ATOM   643 C "C5'"  . DC  B 2 10 ? 11.915  7.474   -3.054  1.00 0.22 ? 10 DC  B "C5'"  1 
ATOM   644 C "C4'"  . DC  B 2 10 ? 12.433  6.277   -2.283  1.00 0.18 ? 10 DC  B "C4'"  1 
ATOM   645 O "O4'"  . DC  B 2 10 ? 11.748  5.103   -2.748  1.00 0.18 ? 10 DC  B "O4'"  1 
ATOM   646 C "C3'"  . DC  B 2 10 ? 13.900  5.906   -2.466  1.00 0.19 ? 10 DC  B "C3'"  1 
ATOM   647 O "O3'"  . DC  B 2 10 ? 14.398  4.948   -1.539  1.00 0.22 ? 10 DC  B "O3'"  1 
ATOM   648 C "C2'"  . DC  B 2 10 ? 13.769  5.164   -3.801  1.00 0.17 ? 10 DC  B "C2'"  1 
ATOM   649 C "C1'"  . DC  B 2 10 ? 12.715  4.186   -3.290  1.00 0.15 ? 10 DC  B "C1'"  1 
ATOM   650 N N1     . DC  B 2 10 ? 12.102  3.279   -4.293  1.00 0.15 ? 10 DC  B N1     1 
ATOM   651 C C2     . DC  B 2 10 ? 12.259  1.903   -4.125  1.00 0.15 ? 10 DC  B C2     1 
ATOM   652 O O2     . DC  B 2 10 ? 12.878  1.412   -3.185  1.00 0.17 ? 10 DC  B O2     1 
ATOM   653 N N3     . DC  B 2 10 ? 11.703  1.070   -5.046  1.00 0.16 ? 10 DC  B N3     1 
ATOM   654 C C4     . DC  B 2 10 ? 11.019  1.543   -6.092  1.00 0.16 ? 10 DC  B C4     1 
ATOM   655 N N4     . DC  B 2 10 ? 10.485  0.690   -6.975  1.00 0.18 ? 10 DC  B N4     1 
ATOM   656 C C5     . DC  B 2 10 ? 10.849  2.957   -6.277  1.00 0.17 ? 10 DC  B C5     1 
ATOM   657 C C6     . DC  B 2 10 ? 11.404  3.781   -5.358  1.00 0.17 ? 10 DC  B C6     1 
ATOM   658 H "H5'"  . DC  B 2 10 ? 10.857  7.622   -2.836  1.00 0.25 ? 10 DC  B "H5'"  1 
ATOM   659 H "H5''" . DC  B 2 10 ? 12.465  8.369   -2.768  1.00 0.33 ? 10 DC  B "H5''" 1 
ATOM   660 H "H4'"  . DC  B 2 10 ? 12.202  6.424   -1.228  1.00 0.22 ? 10 DC  B "H4'"  1 
ATOM   661 H "H3'"  . DC  B 2 10 ? 14.546  6.784   -2.480  1.00 0.30 ? 10 DC  B "H3'"  1 
ATOM   662 H "H2'"  . DC  B 2 10 ? 13.348  5.824   -4.560  1.00 0.23 ? 10 DC  B "H2'"  1 
ATOM   663 H "H2''" . DC  B 2 10 ? 14.678  4.704   -4.167  1.00 0.19 ? 10 DC  B "H2''" 1 
ATOM   664 H "H1'"  . DC  B 2 10 ? 13.152  3.598   -2.484  1.00 0.20 ? 10 DC  B "H1'"  1 
ATOM   665 H H41    . DC  B 2 10 ? 10.553  -0.322  -6.930  1.00 0.20 ? 10 DC  B H41    1 
ATOM   666 H H42    . DC  B 2 10 ? 9.978   1.057   -7.743  1.00 0.21 ? 10 DC  B H42    1 
ATOM   667 H H5     . DC  B 2 10 ? 10.294  3.359   -7.124  1.00 0.20 ? 10 DC  B H5     1 
ATOM   668 H H6     . DC  B 2 10 ? 11.308  4.860   -5.450  1.00 0.21 ? 10 DC  B H6     1 
ATOM   669 P P      . DG  B 2 11 ? 14.394  5.259   0.038   1.00 0.25 ? 11 DG  B P      1 
ATOM   670 O OP1    . DG  B 2 11 ? 13.053  4.987   0.597   1.00 0.28 ? 11 DG  B OP1    1 
ATOM   671 O OP2    . DG  B 2 11 ? 15.049  6.567   0.261   1.00 0.28 ? 11 DG  B OP2    1 
ATOM   672 O "O5'"  . DG  B 2 11 ? 15.389  4.106   0.515   1.00 0.26 ? 11 DG  B "O5'"  1 
ATOM   673 C "C5'"  . DG  B 2 11 ? 15.294  2.914   -0.250  1.00 0.25 ? 11 DG  B "C5'"  1 
ATOM   674 C "C4'"  . DG  B 2 11 ? 16.480  1.988   -0.023  1.00 0.29 ? 11 DG  B "C4'"  1 
ATOM   675 O "O4'"  . DG  B 2 11 ? 16.412  0.960   -1.013  1.00 0.32 ? 11 DG  B "O4'"  1 
ATOM   676 C "C3'"  . DG  B 2 11 ? 17.902  2.474   -0.266  1.00 0.33 ? 11 DG  B "C3'"  1 
ATOM   677 O "O3'"  . DG  B 2 11 ? 18.798  1.414   0.059   1.00 0.45 ? 11 DG  B "O3'"  1 
ATOM   678 C "C2'"  . DG  B 2 11 ? 17.820  2.701   -1.747  1.00 0.35 ? 11 DG  B "C2'"  1 
ATOM   679 C "C1'"  . DG  B 2 11 ? 17.211  1.356   -2.150  1.00 0.34 ? 11 DG  B "C1'"  1 
ATOM   680 N N9     . DG  B 2 11 ? 16.392  1.493   -3.371  1.00 0.29 ? 11 DG  B N9     1 
ATOM   681 C C8     . DG  B 2 11 ? 15.963  2.654   -3.955  1.00 0.29 ? 11 DG  B C8     1 
ATOM   682 N N7     . DG  B 2 11 ? 15.257  2.483   -5.035  1.00 0.26 ? 11 DG  B N7     1 
ATOM   683 C C5     . DG  B 2 11 ? 15.210  1.109   -5.185  1.00 0.25 ? 11 DG  B C5     1 
ATOM   684 C C6     . DG  B 2 11 ? 14.575  0.347   -6.192  1.00 0.24 ? 11 DG  B C6     1 
ATOM   685 O O6     . DG  B 2 11 ? 13.922  0.755   -7.152  1.00 0.24 ? 11 DG  B O6     1 
ATOM   686 N N1     . DG  B 2 11 ? 14.754  -1.016  -5.998  1.00 0.24 ? 11 DG  B N1     1 
ATOM   687 C C2     . DG  B 2 11 ? 15.470  -1.590  -4.944  1.00 0.26 ? 11 DG  B C2     1 
ATOM   688 N N2     . DG  B 2 11 ? 15.563  -2.927  -4.860  1.00 0.29 ? 11 DG  B N2     1 
ATOM   689 N N3     . DG  B 2 11 ? 16.071  -0.852  -3.994  1.00 0.28 ? 11 DG  B N3     1 
ATOM   690 C C4     . DG  B 2 11 ? 15.900  0.483   -4.176  1.00 0.27 ? 11 DG  B C4     1 
ATOM   691 H "H5'"  . DG  B 2 11 ? 15.202  3.209   -1.294  1.00 0.29 ? 11 DG  B "H5'"  1 
ATOM   692 H "H5''" . DG  B 2 11 ? 14.375  2.400   0.032   1.00 0.33 ? 11 DG  B "H5''" 1 
ATOM   693 H "H4'"  . DG  B 2 11 ? 16.390  1.543   0.968   1.00 0.36 ? 11 DG  B "H4'"  1 
ATOM   694 H "H3'"  . DG  B 2 11 ? 18.123  3.378   0.302   1.00 0.35 ? 11 DG  B "H3'"  1 
ATOM   695 H "HO3'" . DG  B 2 11 ? 18.345  0.622   -0.244  1.00 0.98 ? 11 DG  B "HO3'" 1 
ATOM   696 H "H2'"  . DG  B 2 11 ? 17.151  3.551   -1.864  1.00 0.35 ? 11 DG  B "H2'"  1 
ATOM   697 H "H2''" . DG  B 2 11 ? 18.770  2.896   -2.245  1.00 0.48 ? 11 DG  B "H2''" 1 
ATOM   698 H "H1'"  . DG  B 2 11 ? 18.003  0.627   -2.321  1.00 0.44 ? 11 DG  B "H1'"  1 
ATOM   699 H H8     . DG  B 2 11 ? 16.194  3.640   -3.561  1.00 0.32 ? 11 DG  B H8     1 
ATOM   700 H H1     . DG  B 2 11 ? 14.304  -1.587  -6.716  1.00 0.25 ? 11 DG  B H1     1 
ATOM   701 H H21    . DG  B 2 11 ? 15.121  -3.538  -5.542  1.00 0.33 ? 11 DG  B H21    1 
ATOM   702 H H22    . DG  B 2 11 ? 16.075  -3.360  -4.103  1.00 0.34 ? 11 DG  B H22    1 
# 
